data_2MPC
#
_entry.id   2MPC
#
_entity_poly.entity_id   1
_entity_poly.type   'polypeptide(L)'
_entity_poly.pdbx_seq_one_letter_code
;MAKTPSDHLLSTLEELVPYDFEKFKFKLQNTSVQKEHSRIPRSQIQRARPVKMATLLVTYYGEEYAVQLTLQVLRAINQR
LLAEELHRAAIQLEHHHHHH
;
_entity_poly.pdbx_strand_id   A
#
# COMPACT_ATOMS: atom_id res chain seq x y z
N THR A 4 -9.68 9.48 -6.09
CA THR A 4 -8.54 8.89 -6.78
C THR A 4 -8.06 7.63 -6.06
N PRO A 5 -7.32 6.79 -6.78
CA PRO A 5 -6.78 5.56 -6.22
C PRO A 5 -5.99 5.86 -4.95
N SER A 6 -5.30 6.99 -4.93
CA SER A 6 -4.50 7.39 -3.77
C SER A 6 -5.39 7.76 -2.59
N ASP A 7 -6.60 8.22 -2.88
CA ASP A 7 -7.56 8.56 -1.85
C ASP A 7 -8.16 7.32 -1.20
N HIS A 8 -8.34 6.27 -2.00
CA HIS A 8 -8.83 4.99 -1.50
C HIS A 8 -7.74 4.25 -0.72
N LEU A 9 -6.50 4.36 -1.20
CA LEU A 9 -5.36 3.83 -0.48
C LEU A 9 -5.15 4.57 0.84
N LEU A 10 -5.35 5.89 0.82
CA LEU A 10 -5.28 6.69 2.03
C LEU A 10 -6.26 6.19 3.09
N SER A 11 -7.53 6.10 2.70
CA SER A 11 -8.58 5.69 3.63
C SER A 11 -8.36 4.26 4.11
N THR A 12 -7.89 3.41 3.21
CA THR A 12 -7.63 2.01 3.55
C THR A 12 -6.55 1.90 4.61
N LEU A 13 -5.46 2.64 4.41
CA LEU A 13 -4.33 2.59 5.34
C LEU A 13 -4.54 3.50 6.53
N GLU A 14 -5.53 4.39 6.43
CA GLU A 14 -5.99 5.17 7.57
C GLU A 14 -6.73 4.29 8.56
N GLU A 15 -7.60 3.42 8.04
CA GLU A 15 -8.31 2.46 8.88
C GLU A 15 -7.38 1.40 9.44
N LEU A 16 -6.32 1.11 8.70
CA LEU A 16 -5.30 0.16 9.14
C LEU A 16 -4.74 0.56 10.51
N VAL A 17 -4.81 -0.37 11.46
CA VAL A 17 -4.31 -0.12 12.81
C VAL A 17 -2.80 0.12 12.79
N PRO A 18 -2.38 1.20 13.45
CA PRO A 18 -0.97 1.59 13.44
C PRO A 18 -0.07 0.43 13.84
N TYR A 19 -0.52 -0.35 14.82
CA TYR A 19 0.24 -1.50 15.29
C TYR A 19 0.38 -2.55 14.20
N ASP A 20 -0.62 -2.62 13.31
CA ASP A 20 -0.57 -3.51 12.17
C ASP A 20 0.23 -2.90 11.03
N PHE A 21 0.20 -1.57 10.93
CA PHE A 21 0.98 -0.85 9.93
C PHE A 21 2.47 -1.08 10.14
N GLU A 22 2.87 -1.21 11.40
CA GLU A 22 4.25 -1.58 11.73
C GLU A 22 4.71 -2.78 10.91
N LYS A 23 3.85 -3.78 10.80
CA LYS A 23 4.15 -4.97 10.02
C LYS A 23 3.92 -4.73 8.53
N PHE A 24 2.96 -3.86 8.21
CA PHE A 24 2.69 -3.49 6.83
C PHE A 24 3.95 -2.98 6.14
N LYS A 25 4.61 -2.01 6.76
CA LYS A 25 5.77 -1.37 6.16
C LYS A 25 6.97 -2.30 6.18
N PHE A 26 6.97 -3.26 7.11
CA PHE A 26 8.00 -4.29 7.15
C PHE A 26 7.88 -5.25 5.98
N LYS A 27 6.63 -5.52 5.56
CA LYS A 27 6.38 -6.38 4.42
C LYS A 27 6.56 -5.61 3.11
N LEU A 28 6.30 -4.32 3.14
CA LEU A 28 6.49 -3.47 1.97
C LEU A 28 7.96 -3.40 1.58
N GLN A 29 8.83 -3.39 2.57
CA GLN A 29 10.26 -3.42 2.33
C GLN A 29 10.69 -4.70 1.63
N ASN A 30 9.93 -5.77 1.86
CA ASN A 30 10.26 -7.07 1.30
C ASN A 30 9.40 -7.36 0.06
N THR A 31 8.74 -6.33 -0.45
CA THR A 31 7.89 -6.48 -1.62
C THR A 31 8.68 -6.32 -2.90
N SER A 32 8.47 -7.24 -3.84
CA SER A 32 9.21 -7.23 -5.10
C SER A 32 8.91 -5.97 -5.91
N VAL A 33 9.96 -5.42 -6.54
CA VAL A 33 9.80 -4.21 -7.35
C VAL A 33 9.15 -4.54 -8.69
N GLN A 34 8.19 -3.72 -9.09
CA GLN A 34 7.45 -3.94 -10.32
C GLN A 34 8.32 -3.68 -11.54
N LYS A 35 8.05 -4.40 -12.62
CA LYS A 35 8.91 -4.36 -13.81
C LYS A 35 8.98 -2.95 -14.38
N GLU A 36 10.19 -2.43 -14.50
CA GLU A 36 10.41 -1.11 -15.08
C GLU A 36 9.66 -0.04 -14.30
N HIS A 37 9.67 -0.17 -12.98
CA HIS A 37 9.11 0.86 -12.10
C HIS A 37 10.08 1.21 -10.97
N SER A 38 9.89 2.38 -10.38
CA SER A 38 10.86 2.93 -9.44
C SER A 38 10.67 2.33 -8.05
N ARG A 39 11.79 2.03 -7.39
CA ARG A 39 11.75 1.42 -6.07
C ARG A 39 11.73 2.48 -4.97
N ILE A 40 10.84 2.30 -4.00
CA ILE A 40 10.83 3.13 -2.81
C ILE A 40 11.90 2.69 -1.81
N PRO A 41 12.79 3.61 -1.46
CA PRO A 41 13.85 3.31 -0.50
C PRO A 41 13.27 2.78 0.80
N ARG A 42 13.96 1.80 1.39
CA ARG A 42 13.52 1.20 2.64
C ARG A 42 13.58 2.22 3.78
N SER A 43 14.53 3.14 3.70
CA SER A 43 14.64 4.21 4.68
C SER A 43 13.43 5.14 4.61
N GLN A 44 12.81 5.22 3.45
CA GLN A 44 11.59 6.00 3.27
C GLN A 44 10.36 5.21 3.73
N ILE A 45 10.35 3.92 3.44
CA ILE A 45 9.25 3.05 3.83
C ILE A 45 9.07 3.04 5.35
N GLN A 46 10.19 2.93 6.07
CA GLN A 46 10.15 2.90 7.52
C GLN A 46 9.53 4.18 8.09
N ARG A 47 9.80 5.29 7.42
CA ARG A 47 9.42 6.60 7.95
C ARG A 47 8.12 7.09 7.32
N ALA A 48 7.68 6.40 6.27
CA ALA A 48 6.49 6.79 5.53
C ALA A 48 5.22 6.56 6.37
N ARG A 49 4.29 7.51 6.28
CA ARG A 49 3.02 7.39 6.97
C ARG A 49 2.05 6.51 6.19
N PRO A 50 1.07 5.95 6.89
CA PRO A 50 0.04 5.14 6.26
C PRO A 50 -0.64 5.89 5.12
N VAL A 51 -0.81 7.20 5.30
CA VAL A 51 -1.48 8.04 4.31
C VAL A 51 -0.49 8.57 3.28
N LYS A 52 0.80 8.48 3.60
CA LYS A 52 1.84 8.95 2.69
C LYS A 52 2.16 7.90 1.63
N MET A 53 2.12 6.63 2.02
CA MET A 53 2.43 5.55 1.11
C MET A 53 1.44 5.49 -0.04
N ALA A 54 0.23 5.97 0.20
CA ALA A 54 -0.78 6.07 -0.85
C ALA A 54 -0.27 6.89 -2.03
N THR A 55 0.41 7.98 -1.72
CA THR A 55 0.98 8.84 -2.76
C THR A 55 2.26 8.25 -3.33
N LEU A 56 3.09 7.71 -2.45
CA LEU A 56 4.40 7.20 -2.85
C LEU A 56 4.27 6.08 -3.87
N LEU A 57 3.41 5.11 -3.57
CA LEU A 57 3.25 3.94 -4.43
C LEU A 57 2.75 4.33 -5.81
N VAL A 58 1.89 5.34 -5.85
CA VAL A 58 1.36 5.84 -7.13
C VAL A 58 2.45 6.52 -7.94
N THR A 59 3.29 7.31 -7.27
CA THR A 59 4.35 8.03 -7.94
C THR A 59 5.42 7.08 -8.46
N TYR A 60 5.82 6.13 -7.62
CA TYR A 60 6.96 5.28 -7.91
C TYR A 60 6.59 4.17 -8.87
N TYR A 61 5.41 3.60 -8.69
CA TYR A 61 5.01 2.39 -9.41
C TYR A 61 3.83 2.66 -10.33
N GLY A 62 2.83 3.34 -9.80
CA GLY A 62 1.65 3.71 -10.59
C GLY A 62 0.37 3.51 -9.80
N GLU A 63 -0.74 4.01 -10.34
CA GLU A 63 -2.03 3.93 -9.67
C GLU A 63 -2.49 2.48 -9.54
N GLU A 64 -2.48 1.76 -10.66
CA GLU A 64 -2.92 0.37 -10.69
C GLU A 64 -1.96 -0.52 -9.90
N TYR A 65 -0.68 -0.17 -9.91
CA TYR A 65 0.33 -0.93 -9.21
C TYR A 65 0.31 -0.65 -7.71
N ALA A 66 -0.08 0.58 -7.35
CA ALA A 66 -0.21 0.96 -5.96
C ALA A 66 -1.30 0.16 -5.26
N VAL A 67 -2.40 -0.05 -5.96
CA VAL A 67 -3.52 -0.83 -5.44
C VAL A 67 -3.11 -2.29 -5.23
N GLN A 68 -2.43 -2.85 -6.22
CA GLN A 68 -2.00 -4.25 -6.16
C GLN A 68 -0.95 -4.45 -5.07
N LEU A 69 -0.01 -3.51 -4.97
CA LEU A 69 1.06 -3.60 -3.99
C LEU A 69 0.50 -3.57 -2.57
N THR A 70 -0.35 -2.59 -2.29
CA THR A 70 -0.95 -2.44 -0.98
C THR A 70 -1.81 -3.65 -0.62
N LEU A 71 -2.62 -4.09 -1.58
CA LEU A 71 -3.49 -5.25 -1.37
C LEU A 71 -2.70 -6.47 -0.92
N GLN A 72 -1.62 -6.76 -1.63
CA GLN A 72 -0.82 -7.95 -1.34
C GLN A 72 -0.15 -7.84 0.02
N VAL A 73 0.34 -6.65 0.34
CA VAL A 73 1.01 -6.41 1.61
C VAL A 73 0.02 -6.51 2.77
N LEU A 74 -1.20 -6.07 2.54
CA LEU A 74 -2.27 -6.21 3.51
C LEU A 74 -2.55 -7.68 3.81
N ARG A 75 -2.61 -8.49 2.76
CA ARG A 75 -2.80 -9.92 2.92
C ARG A 75 -1.63 -10.56 3.64
N ALA A 76 -0.44 -10.00 3.46
CA ALA A 76 0.76 -10.50 4.11
C ALA A 76 0.69 -10.30 5.63
N ILE A 77 -0.12 -9.34 6.05
CA ILE A 77 -0.25 -9.01 7.47
C ILE A 77 -1.63 -9.38 7.99
N ASN A 78 -2.31 -10.26 7.27
CA ASN A 78 -3.58 -10.82 7.74
C ASN A 78 -4.65 -9.75 7.83
N GLN A 79 -4.59 -8.77 6.91
CA GLN A 79 -5.66 -7.79 6.77
C GLN A 79 -6.47 -8.04 5.50
N ARG A 80 -7.24 -9.12 5.50
CA ARG A 80 -8.01 -9.50 4.32
C ARG A 80 -9.20 -8.58 4.11
N LEU A 81 -9.69 -8.00 5.21
CA LEU A 81 -10.78 -7.04 5.14
C LEU A 81 -10.40 -5.81 4.33
N LEU A 82 -9.28 -5.20 4.70
CA LEU A 82 -8.81 -4.01 4.02
C LEU A 82 -8.39 -4.33 2.58
N ALA A 83 -7.84 -5.52 2.39
CA ALA A 83 -7.44 -5.98 1.06
C ALA A 83 -8.66 -6.14 0.15
N GLU A 84 -9.72 -6.71 0.70
CA GLU A 84 -10.98 -6.85 -0.04
C GLU A 84 -11.61 -5.49 -0.34
N GLU A 85 -11.62 -4.62 0.66
CA GLU A 85 -12.22 -3.30 0.51
C GLU A 85 -11.45 -2.45 -0.50
N LEU A 86 -10.14 -2.65 -0.55
CA LEU A 86 -9.29 -1.99 -1.54
C LEU A 86 -9.61 -2.51 -2.94
N HIS A 87 -9.75 -3.82 -3.06
CA HIS A 87 -10.19 -4.43 -4.32
C HIS A 87 -11.55 -3.90 -4.75
N ARG A 88 -12.47 -3.82 -3.79
CA ARG A 88 -13.81 -3.30 -4.07
C ARG A 88 -13.75 -1.82 -4.48
N ALA A 89 -12.82 -1.09 -3.88
CA ALA A 89 -12.59 0.31 -4.26
C ALA A 89 -12.07 0.40 -5.69
N ALA A 90 -11.19 -0.52 -6.07
CA ALA A 90 -10.68 -0.58 -7.43
C ALA A 90 -11.78 -0.90 -8.43
N ILE A 91 -12.74 -1.72 -8.00
CA ILE A 91 -13.92 -2.03 -8.81
C ILE A 91 -14.77 -0.78 -9.04
N GLN A 92 -14.96 0.00 -7.97
CA GLN A 92 -15.72 1.24 -8.05
C GLN A 92 -15.02 2.25 -8.95
N LEU A 93 -13.70 2.26 -8.91
CA LEU A 93 -12.91 3.11 -9.78
C LEU A 93 -13.09 2.72 -11.25
N THR A 4 -10.57 6.53 -6.03
CA THR A 4 -9.27 6.07 -6.50
C THR A 4 -8.53 5.30 -5.42
N PRO A 5 -7.50 4.55 -5.82
CA PRO A 5 -6.70 3.78 -4.88
C PRO A 5 -6.16 4.65 -3.76
N SER A 6 -5.90 5.92 -4.08
CA SER A 6 -5.31 6.85 -3.13
C SER A 6 -6.34 7.31 -2.10
N ASP A 7 -7.61 7.06 -2.39
CA ASP A 7 -8.69 7.37 -1.45
C ASP A 7 -9.06 6.16 -0.62
N HIS A 8 -9.00 4.98 -1.24
CA HIS A 8 -9.38 3.74 -0.57
C HIS A 8 -8.26 3.25 0.33
N LEU A 9 -7.02 3.37 -0.13
CA LEU A 9 -5.87 2.94 0.64
C LEU A 9 -5.56 3.92 1.77
N LEU A 10 -5.37 5.19 1.42
CA LEU A 10 -4.96 6.19 2.39
C LEU A 10 -5.89 6.20 3.59
N SER A 11 -7.18 6.37 3.33
CA SER A 11 -8.16 6.51 4.40
C SER A 11 -8.16 5.30 5.33
N THR A 12 -8.03 4.11 4.74
CA THR A 12 -8.07 2.87 5.50
C THR A 12 -6.83 2.71 6.37
N LEU A 13 -5.67 3.09 5.81
CA LEU A 13 -4.41 2.98 6.53
C LEU A 13 -4.45 3.76 7.84
N GLU A 14 -5.17 4.88 7.83
CA GLU A 14 -5.35 5.68 9.04
C GLU A 14 -6.22 4.95 10.06
N GLU A 15 -7.14 4.14 9.57
CA GLU A 15 -8.07 3.42 10.43
C GLU A 15 -7.47 2.12 10.94
N LEU A 16 -6.46 1.62 10.23
CA LEU A 16 -5.78 0.41 10.63
C LEU A 16 -4.84 0.66 11.81
N VAL A 17 -4.56 -0.39 12.58
CA VAL A 17 -3.75 -0.26 13.78
C VAL A 17 -2.33 0.17 13.44
N PRO A 18 -1.88 1.26 14.05
CA PRO A 18 -0.56 1.81 13.76
C PRO A 18 0.53 0.76 13.92
N TYR A 19 0.38 -0.09 14.93
CA TYR A 19 1.34 -1.16 15.18
C TYR A 19 1.35 -2.18 14.04
N ASP A 20 0.20 -2.34 13.40
CA ASP A 20 0.09 -3.23 12.25
C ASP A 20 0.43 -2.51 10.95
N PHE A 21 0.42 -1.19 11.00
CA PHE A 21 0.94 -0.38 9.89
C PHE A 21 2.45 -0.47 9.81
N GLU A 22 3.10 -0.61 10.96
CA GLU A 22 4.53 -0.91 11.01
C GLU A 22 4.82 -2.29 10.43
N LYS A 23 3.89 -3.22 10.61
CA LYS A 23 3.96 -4.52 9.98
C LYS A 23 3.70 -4.42 8.49
N PHE A 24 2.78 -3.54 8.11
CA PHE A 24 2.56 -3.22 6.70
C PHE A 24 3.85 -2.77 6.03
N LYS A 25 4.60 -1.91 6.71
CA LYS A 25 5.89 -1.46 6.21
C LYS A 25 6.85 -2.63 6.01
N PHE A 26 6.89 -3.52 6.99
CA PHE A 26 7.84 -4.63 6.98
C PHE A 26 7.72 -5.44 5.70
N LYS A 27 6.50 -5.81 5.34
CA LYS A 27 6.25 -6.66 4.18
C LYS A 27 6.25 -5.84 2.89
N LEU A 28 5.94 -4.56 3.01
CA LEU A 28 5.97 -3.66 1.87
C LEU A 28 7.36 -3.57 1.26
N GLN A 29 8.38 -3.64 2.12
CA GLN A 29 9.76 -3.56 1.67
C GLN A 29 10.12 -4.74 0.79
N ASN A 30 9.36 -5.82 0.90
CA ASN A 30 9.67 -7.06 0.22
C ASN A 30 8.80 -7.27 -1.01
N THR A 31 8.22 -6.17 -1.50
CA THR A 31 7.40 -6.21 -2.70
C THR A 31 8.26 -6.09 -3.95
N SER A 32 7.69 -6.45 -5.09
CA SER A 32 8.42 -6.42 -6.36
C SER A 32 8.25 -5.08 -7.06
N VAL A 33 8.97 -4.90 -8.16
CA VAL A 33 8.88 -3.67 -8.93
C VAL A 33 9.22 -3.90 -10.40
N GLN A 34 8.50 -3.22 -11.28
CA GLN A 34 8.73 -3.34 -12.72
C GLN A 34 9.87 -2.43 -13.16
N LYS A 35 10.40 -2.71 -14.36
CA LYS A 35 11.51 -1.92 -14.90
C LYS A 35 11.14 -0.45 -14.98
N GLU A 36 9.95 -0.16 -15.49
CA GLU A 36 9.50 1.22 -15.67
C GLU A 36 9.09 1.85 -14.34
N HIS A 37 8.63 1.01 -13.42
CA HIS A 37 8.15 1.49 -12.13
C HIS A 37 9.30 1.79 -11.18
N SER A 38 9.05 2.67 -10.22
CA SER A 38 10.06 3.01 -9.22
C SER A 38 9.84 2.24 -7.93
N ARG A 39 10.93 1.93 -7.24
CA ARG A 39 10.86 1.21 -5.97
C ARG A 39 11.20 2.12 -4.80
N ILE A 40 10.35 2.13 -3.79
CA ILE A 40 10.52 3.01 -2.64
C ILE A 40 11.60 2.48 -1.70
N PRO A 41 12.59 3.32 -1.42
CA PRO A 41 13.69 2.95 -0.54
C PRO A 41 13.18 2.46 0.82
N ARG A 42 13.89 1.50 1.40
CA ARG A 42 13.48 0.93 2.68
C ARG A 42 13.43 2.00 3.76
N SER A 43 14.31 2.99 3.66
CA SER A 43 14.35 4.07 4.64
C SER A 43 13.13 4.98 4.51
N GLN A 44 12.53 5.00 3.33
CA GLN A 44 11.36 5.84 3.08
C GLN A 44 10.08 5.09 3.44
N ILE A 45 10.10 3.78 3.31
CA ILE A 45 9.00 2.94 3.77
C ILE A 45 8.93 2.93 5.29
N GLN A 46 10.09 2.78 5.93
CA GLN A 46 10.16 2.73 7.38
C GLN A 46 9.68 4.04 8.00
N ARG A 47 9.91 5.14 7.29
CA ARG A 47 9.55 6.46 7.78
C ARG A 47 8.28 6.98 7.13
N ALA A 48 7.55 6.08 6.49
CA ALA A 48 6.33 6.43 5.77
C ALA A 48 5.18 6.71 6.74
N ARG A 49 4.26 7.58 6.32
CA ARG A 49 3.03 7.79 7.07
C ARG A 49 1.82 7.27 6.31
N PRO A 50 0.74 7.01 7.04
CA PRO A 50 -0.49 6.52 6.43
C PRO A 50 -0.93 7.43 5.27
N VAL A 51 -0.68 8.72 5.41
CA VAL A 51 -1.03 9.68 4.38
C VAL A 51 -0.05 9.59 3.20
N LYS A 52 1.24 9.58 3.51
CA LYS A 52 2.27 9.62 2.48
C LYS A 52 2.43 8.27 1.81
N MET A 53 1.97 7.22 2.48
CA MET A 53 2.11 5.86 1.98
C MET A 53 1.42 5.70 0.63
N ALA A 54 0.12 5.98 0.60
CA ALA A 54 -0.67 5.85 -0.62
C ALA A 54 -0.14 6.76 -1.72
N THR A 55 0.27 7.96 -1.33
CA THR A 55 0.80 8.93 -2.29
C THR A 55 2.06 8.40 -2.96
N LEU A 56 2.99 7.89 -2.16
CA LEU A 56 4.26 7.40 -2.68
C LEU A 56 4.06 6.14 -3.52
N LEU A 57 3.14 5.29 -3.10
CA LEU A 57 2.87 4.05 -3.78
C LEU A 57 2.31 4.29 -5.18
N VAL A 58 1.41 5.26 -5.29
CA VAL A 58 0.84 5.63 -6.58
C VAL A 58 1.87 6.31 -7.47
N THR A 59 2.71 7.15 -6.87
CA THR A 59 3.74 7.86 -7.61
C THR A 59 4.81 6.91 -8.11
N TYR A 60 5.25 6.00 -7.23
CA TYR A 60 6.37 5.11 -7.55
C TYR A 60 5.91 3.94 -8.41
N TYR A 61 4.92 3.20 -7.92
CA TYR A 61 4.53 1.94 -8.52
C TYR A 61 3.37 2.12 -9.48
N GLY A 62 2.40 2.95 -9.08
CA GLY A 62 1.27 3.27 -9.93
C GLY A 62 -0.05 2.92 -9.25
N GLU A 63 -1.14 3.45 -9.79
CA GLU A 63 -2.46 3.28 -9.17
C GLU A 63 -2.85 1.80 -9.12
N GLU A 64 -2.52 1.07 -10.16
CA GLU A 64 -2.94 -0.33 -10.29
C GLU A 64 -1.92 -1.25 -9.64
N TYR A 65 -0.65 -1.09 -10.01
CA TYR A 65 0.40 -2.01 -9.59
C TYR A 65 0.62 -1.96 -8.09
N ALA A 66 0.50 -0.76 -7.53
CA ALA A 66 0.62 -0.58 -6.08
C ALA A 66 -0.44 -1.38 -5.33
N VAL A 67 -1.64 -1.42 -5.88
CA VAL A 67 -2.73 -2.21 -5.31
C VAL A 67 -2.44 -3.70 -5.41
N GLN A 68 -1.89 -4.12 -6.55
CA GLN A 68 -1.54 -5.52 -6.76
C GLN A 68 -0.50 -5.97 -5.75
N LEU A 69 0.39 -5.08 -5.37
CA LEU A 69 1.38 -5.36 -4.33
C LEU A 69 0.75 -5.28 -2.94
N THR A 70 -0.08 -4.26 -2.73
CA THR A 70 -0.64 -3.99 -1.42
C THR A 70 -1.58 -5.11 -0.98
N LEU A 71 -2.26 -5.72 -1.95
CA LEU A 71 -3.12 -6.86 -1.67
C LEU A 71 -2.33 -8.03 -1.11
N GLN A 72 -1.08 -8.14 -1.52
CA GLN A 72 -0.20 -9.20 -1.03
C GLN A 72 0.39 -8.84 0.33
N VAL A 73 0.64 -7.55 0.53
CA VAL A 73 1.18 -7.07 1.80
C VAL A 73 0.17 -7.22 2.92
N LEU A 74 -1.08 -6.84 2.64
CA LEU A 74 -2.14 -6.93 3.63
C LEU A 74 -2.59 -8.38 3.83
N ARG A 75 -2.17 -9.25 2.92
CA ARG A 75 -2.42 -10.68 3.05
C ARG A 75 -1.55 -11.31 4.12
N ALA A 76 -0.31 -10.80 4.22
CA ALA A 76 0.63 -11.29 5.22
C ALA A 76 0.23 -10.86 6.63
N ILE A 77 -0.44 -9.72 6.72
CA ILE A 77 -0.87 -9.18 8.01
C ILE A 77 -2.37 -9.28 8.19
N ASN A 78 -3.03 -9.90 7.21
CA ASN A 78 -4.40 -10.35 7.38
C ASN A 78 -5.34 -9.18 7.70
N GLN A 79 -5.42 -8.22 6.78
CA GLN A 79 -6.31 -7.08 6.94
C GLN A 79 -7.37 -7.07 5.85
N ARG A 80 -8.46 -7.80 6.06
CA ARG A 80 -9.51 -7.93 5.07
C ARG A 80 -10.18 -6.58 4.81
N LEU A 81 -10.21 -5.74 5.83
CA LEU A 81 -10.79 -4.40 5.70
C LEU A 81 -10.20 -3.67 4.51
N LEU A 82 -8.88 -3.59 4.46
CA LEU A 82 -8.19 -2.90 3.37
C LEU A 82 -8.42 -3.60 2.03
N ALA A 83 -8.42 -4.92 2.05
CA ALA A 83 -8.60 -5.71 0.85
C ALA A 83 -9.90 -5.32 0.13
N GLU A 84 -10.97 -5.17 0.91
CA GLU A 84 -12.27 -4.85 0.35
C GLU A 84 -12.27 -3.47 -0.29
N GLU A 85 -11.58 -2.53 0.35
CA GLU A 85 -11.50 -1.16 -0.16
C GLU A 85 -10.64 -1.10 -1.41
N LEU A 86 -9.61 -1.93 -1.46
CA LEU A 86 -8.75 -2.01 -2.64
C LEU A 86 -9.42 -2.74 -3.78
N HIS A 87 -10.35 -3.62 -3.45
CA HIS A 87 -11.21 -4.25 -4.44
C HIS A 87 -12.19 -3.25 -5.03
N ARG A 88 -12.67 -2.33 -4.20
CA ARG A 88 -13.48 -1.21 -4.67
C ARG A 88 -12.67 -0.29 -5.56
N ALA A 89 -11.41 -0.08 -5.19
CA ALA A 89 -10.48 0.68 -6.02
C ALA A 89 -10.22 -0.04 -7.35
N ALA A 90 -10.10 -1.36 -7.29
CA ALA A 90 -9.85 -2.16 -8.48
C ALA A 90 -11.02 -2.09 -9.45
N ILE A 91 -12.23 -2.00 -8.90
CA ILE A 91 -13.43 -1.81 -9.72
C ILE A 91 -13.40 -0.47 -10.43
N GLN A 92 -12.98 0.58 -9.72
CA GLN A 92 -12.88 1.91 -10.29
C GLN A 92 -11.77 1.98 -11.33
N LEU A 93 -10.69 1.25 -11.09
CA LEU A 93 -9.58 1.18 -12.03
C LEU A 93 -10.00 0.53 -13.34
N THR A 4 -10.17 9.18 -5.76
CA THR A 4 -8.84 8.73 -6.17
C THR A 4 -8.44 7.47 -5.43
N PRO A 5 -7.56 6.68 -6.05
CA PRO A 5 -7.06 5.45 -5.43
C PRO A 5 -6.27 5.76 -4.16
N SER A 6 -5.72 6.96 -4.09
CA SER A 6 -4.92 7.37 -2.94
C SER A 6 -5.78 7.57 -1.71
N ASP A 7 -7.06 7.90 -1.92
CA ASP A 7 -8.02 8.02 -0.84
C ASP A 7 -8.40 6.64 -0.30
N HIS A 8 -8.45 5.65 -1.18
CA HIS A 8 -8.74 4.28 -0.78
C HIS A 8 -7.55 3.65 -0.06
N LEU A 9 -6.35 4.02 -0.50
CA LEU A 9 -5.13 3.59 0.18
C LEU A 9 -5.05 4.16 1.59
N LEU A 10 -5.36 5.45 1.72
CA LEU A 10 -5.38 6.09 3.03
C LEU A 10 -6.40 5.43 3.95
N SER A 11 -7.59 5.16 3.43
CA SER A 11 -8.66 4.56 4.21
C SER A 11 -8.19 3.30 4.90
N THR A 12 -7.50 2.44 4.16
CA THR A 12 -7.08 1.14 4.67
C THR A 12 -5.93 1.28 5.64
N LEU A 13 -5.15 2.35 5.48
CA LEU A 13 -4.02 2.62 6.37
C LEU A 13 -4.49 3.28 7.66
N GLU A 14 -5.64 3.95 7.60
CA GLU A 14 -6.27 4.50 8.79
C GLU A 14 -6.92 3.41 9.63
N GLU A 15 -7.45 2.39 8.96
CA GLU A 15 -8.05 1.26 9.65
C GLU A 15 -7.02 0.46 10.43
N LEU A 16 -5.78 0.47 9.92
CA LEU A 16 -4.68 -0.20 10.60
C LEU A 16 -4.24 0.57 11.83
N VAL A 17 -3.96 -0.15 12.91
CA VAL A 17 -3.35 0.45 14.10
C VAL A 17 -1.86 0.68 13.90
N PRO A 18 -1.28 1.51 14.76
CA PRO A 18 0.11 1.90 14.62
C PRO A 18 1.02 0.69 14.47
N TYR A 19 0.71 -0.37 15.21
CA TYR A 19 1.48 -1.61 15.15
C TYR A 19 1.38 -2.26 13.77
N ASP A 20 0.14 -2.42 13.30
CA ASP A 20 -0.11 -3.07 12.02
C ASP A 20 0.32 -2.18 10.86
N PHE A 21 0.39 -0.88 11.11
CA PHE A 21 0.85 0.07 10.11
C PHE A 21 2.34 -0.09 9.84
N GLU A 22 3.11 -0.27 10.90
CA GLU A 22 4.54 -0.55 10.78
C GLU A 22 4.78 -1.97 10.28
N LYS A 23 3.89 -2.89 10.66
CA LYS A 23 3.92 -4.24 10.13
C LYS A 23 3.68 -4.26 8.63
N PHE A 24 2.75 -3.42 8.18
CA PHE A 24 2.52 -3.24 6.76
C PHE A 24 3.79 -2.87 6.03
N LYS A 25 4.54 -1.93 6.60
CA LYS A 25 5.81 -1.50 6.02
C LYS A 25 6.79 -2.67 5.91
N PHE A 26 6.82 -3.51 6.93
CA PHE A 26 7.70 -4.67 6.95
C PHE A 26 7.43 -5.58 5.76
N LYS A 27 6.16 -5.87 5.50
CA LYS A 27 5.77 -6.77 4.43
C LYS A 27 5.74 -6.03 3.09
N LEU A 28 5.63 -4.71 3.15
CA LEU A 28 5.66 -3.89 1.95
C LEU A 28 6.99 -4.00 1.23
N GLN A 29 8.07 -3.99 2.00
CA GLN A 29 9.41 -4.16 1.44
C GLN A 29 9.64 -5.59 0.97
N ASN A 30 9.05 -6.55 1.69
CA ASN A 30 9.23 -7.96 1.38
C ASN A 30 8.52 -8.33 0.08
N THR A 31 7.32 -7.78 -0.11
CA THR A 31 6.55 -8.05 -1.32
C THR A 31 7.25 -7.53 -2.56
N SER A 32 7.43 -8.40 -3.55
CA SER A 32 8.21 -8.06 -4.74
C SER A 32 7.40 -7.16 -5.67
N VAL A 33 8.11 -6.46 -6.55
CA VAL A 33 7.46 -5.56 -7.51
C VAL A 33 8.04 -5.74 -8.91
N GLN A 34 7.44 -5.04 -9.87
CA GLN A 34 7.85 -5.17 -11.27
C GLN A 34 9.17 -4.48 -11.53
N LYS A 35 9.89 -4.95 -12.54
CA LYS A 35 11.18 -4.37 -12.90
C LYS A 35 11.00 -2.98 -13.50
N GLU A 36 9.82 -2.72 -14.06
CA GLU A 36 9.53 -1.43 -14.67
C GLU A 36 9.32 -0.36 -13.60
N HIS A 37 9.06 -0.79 -12.37
CA HIS A 37 8.82 0.12 -11.26
C HIS A 37 10.11 0.77 -10.78
N SER A 38 9.98 1.95 -10.19
CA SER A 38 11.14 2.66 -9.65
C SER A 38 11.53 2.12 -8.28
N ARG A 39 12.81 2.22 -7.95
CA ARG A 39 13.33 1.70 -6.69
C ARG A 39 13.14 2.69 -5.56
N ILE A 40 12.15 2.44 -4.72
CA ILE A 40 11.85 3.33 -3.60
C ILE A 40 12.88 3.17 -2.49
N PRO A 41 13.50 4.27 -2.09
CA PRO A 41 14.44 4.28 -0.98
C PRO A 41 13.81 3.68 0.27
N ARG A 42 14.62 2.98 1.07
CA ARG A 42 14.14 2.30 2.25
C ARG A 42 13.61 3.29 3.28
N SER A 43 14.18 4.49 3.27
CA SER A 43 13.78 5.54 4.21
C SER A 43 12.39 6.09 3.88
N GLN A 44 12.03 6.01 2.61
CA GLN A 44 10.72 6.50 2.16
C GLN A 44 9.59 5.69 2.77
N ILE A 45 9.73 4.37 2.74
CA ILE A 45 8.76 3.48 3.35
C ILE A 45 8.82 3.56 4.87
N GLN A 46 10.03 3.53 5.41
CA GLN A 46 10.23 3.55 6.85
C GLN A 46 9.55 4.76 7.49
N ARG A 47 9.66 5.91 6.82
CA ARG A 47 9.17 7.17 7.37
C ARG A 47 7.85 7.56 6.71
N ALA A 48 7.23 6.61 6.03
CA ALA A 48 5.97 6.87 5.33
C ALA A 48 4.84 7.13 6.32
N ARG A 49 4.06 8.17 6.05
CA ARG A 49 2.82 8.42 6.79
C ARG A 49 1.63 7.74 6.11
N PRO A 50 0.56 7.55 6.86
CA PRO A 50 -0.66 6.96 6.33
C PRO A 50 -1.11 7.68 5.06
N VAL A 51 -0.88 8.99 5.02
CA VAL A 51 -1.23 9.79 3.84
C VAL A 51 -0.11 9.76 2.81
N LYS A 52 1.12 9.97 3.28
CA LYS A 52 2.26 10.11 2.38
C LYS A 52 2.57 8.80 1.67
N MET A 53 2.25 7.69 2.33
CA MET A 53 2.52 6.37 1.78
C MET A 53 1.80 6.16 0.45
N ALA A 54 0.52 6.55 0.42
CA ALA A 54 -0.27 6.45 -0.80
C ALA A 54 0.39 7.21 -1.95
N THR A 55 0.86 8.41 -1.67
CA THR A 55 1.55 9.22 -2.67
C THR A 55 2.84 8.56 -3.13
N LEU A 56 3.59 8.01 -2.17
CA LEU A 56 4.84 7.33 -2.48
C LEU A 56 4.60 6.13 -3.40
N LEU A 57 3.55 5.37 -3.11
CA LEU A 57 3.24 4.18 -3.88
C LEU A 57 2.87 4.54 -5.32
N VAL A 58 2.11 5.63 -5.47
CA VAL A 58 1.74 6.13 -6.79
C VAL A 58 2.96 6.61 -7.55
N THR A 59 3.87 7.27 -6.84
CA THR A 59 5.05 7.87 -7.47
C THR A 59 5.97 6.81 -8.04
N TYR A 60 6.29 5.81 -7.22
CA TYR A 60 7.36 4.87 -7.55
C TYR A 60 6.83 3.69 -8.34
N TYR A 61 5.60 3.28 -8.03
CA TYR A 61 5.04 2.06 -8.59
C TYR A 61 3.94 2.36 -9.61
N GLY A 62 3.02 3.25 -9.22
CA GLY A 62 1.96 3.68 -10.11
C GLY A 62 0.62 3.74 -9.40
N GLU A 63 -0.37 4.37 -10.03
CA GLU A 63 -1.68 4.54 -9.43
C GLU A 63 -2.37 3.20 -9.20
N GLU A 64 -2.42 2.39 -10.26
CA GLU A 64 -3.06 1.08 -10.19
C GLU A 64 -2.18 0.08 -9.45
N TYR A 65 -0.87 0.24 -9.59
CA TYR A 65 0.07 -0.68 -8.96
C TYR A 65 0.19 -0.42 -7.47
N ALA A 66 -0.13 0.81 -7.06
CA ALA A 66 -0.22 1.14 -5.64
C ALA A 66 -1.34 0.38 -4.96
N VAL A 67 -2.48 0.29 -5.63
CA VAL A 67 -3.63 -0.44 -5.11
C VAL A 67 -3.36 -1.94 -5.09
N GLN A 68 -2.79 -2.45 -6.17
CA GLN A 68 -2.49 -3.87 -6.28
C GLN A 68 -1.44 -4.31 -5.26
N LEU A 69 -0.40 -3.50 -5.11
CA LEU A 69 0.67 -3.79 -4.17
C LEU A 69 0.16 -3.76 -2.73
N THR A 70 -0.52 -2.67 -2.37
CA THR A 70 -1.09 -2.54 -1.04
C THR A 70 -2.05 -3.69 -0.74
N LEU A 71 -2.86 -4.05 -1.73
CA LEU A 71 -3.79 -5.18 -1.59
C LEU A 71 -3.05 -6.45 -1.18
N GLN A 72 -2.00 -6.79 -1.91
CA GLN A 72 -1.24 -8.00 -1.64
C GLN A 72 -0.56 -7.94 -0.29
N VAL A 73 -0.03 -6.77 0.05
CA VAL A 73 0.67 -6.59 1.33
C VAL A 73 -0.29 -6.66 2.50
N LEU A 74 -1.51 -6.16 2.29
CA LEU A 74 -2.57 -6.30 3.29
C LEU A 74 -2.88 -7.76 3.57
N ARG A 75 -2.98 -8.55 2.52
CA ARG A 75 -3.16 -9.99 2.65
C ARG A 75 -1.97 -10.64 3.36
N ALA A 76 -0.79 -10.09 3.13
CA ALA A 76 0.43 -10.60 3.74
C ALA A 76 0.42 -10.41 5.24
N ILE A 77 -0.32 -9.41 5.71
CA ILE A 77 -0.45 -9.13 7.13
C ILE A 77 -1.80 -9.56 7.66
N ASN A 78 -2.45 -10.48 6.96
CA ASN A 78 -3.68 -11.09 7.44
C ASN A 78 -4.81 -10.07 7.54
N GLN A 79 -4.77 -9.07 6.67
CA GLN A 79 -5.86 -8.12 6.55
C GLN A 79 -6.59 -8.28 5.22
N ARG A 80 -7.34 -9.37 5.10
CA ARG A 80 -8.08 -9.67 3.87
C ARG A 80 -9.25 -8.71 3.67
N LEU A 81 -9.81 -8.24 4.78
CA LEU A 81 -10.95 -7.34 4.73
C LEU A 81 -10.61 -6.04 4.02
N LEU A 82 -9.43 -5.51 4.31
CA LEU A 82 -8.96 -4.27 3.68
C LEU A 82 -8.52 -4.51 2.25
N ALA A 83 -8.00 -5.72 1.98
CA ALA A 83 -7.62 -6.10 0.63
C ALA A 83 -8.85 -6.17 -0.29
N GLU A 84 -9.97 -6.64 0.25
CA GLU A 84 -11.21 -6.73 -0.50
C GLU A 84 -11.78 -5.34 -0.78
N GLU A 85 -11.51 -4.40 0.12
CA GLU A 85 -11.91 -3.01 -0.08
C GLU A 85 -11.18 -2.39 -1.26
N LEU A 86 -9.90 -2.73 -1.41
CA LEU A 86 -9.11 -2.25 -2.52
C LEU A 86 -9.49 -2.96 -3.82
N HIS A 87 -9.87 -4.22 -3.70
CA HIS A 87 -10.41 -4.97 -4.84
C HIS A 87 -11.66 -4.31 -5.39
N ARG A 88 -12.58 -3.94 -4.50
CA ARG A 88 -13.80 -3.25 -4.90
C ARG A 88 -13.50 -1.85 -5.39
N ALA A 89 -12.49 -1.21 -4.80
CA ALA A 89 -12.04 0.11 -5.24
C ALA A 89 -11.51 0.06 -6.67
N ALA A 90 -10.76 -1.00 -6.98
CA ALA A 90 -10.22 -1.19 -8.32
C ALA A 90 -11.35 -1.40 -9.34
N ILE A 91 -12.40 -2.07 -8.91
CA ILE A 91 -13.58 -2.27 -9.75
C ILE A 91 -14.28 -0.95 -10.05
N GLN A 92 -14.44 -0.12 -9.02
CA GLN A 92 -15.12 1.15 -9.17
C GLN A 92 -14.26 2.14 -9.96
N LEU A 93 -12.95 2.07 -9.78
CA LEU A 93 -12.03 2.96 -10.47
C LEU A 93 -11.76 2.48 -11.89
N THR A 4 -10.44 9.01 -5.37
CA THR A 4 -9.13 8.74 -5.94
C THR A 4 -8.47 7.55 -5.27
N PRO A 5 -7.55 6.90 -5.99
CA PRO A 5 -6.80 5.79 -5.42
C PRO A 5 -5.95 6.23 -4.24
N SER A 6 -5.59 7.50 -4.22
CA SER A 6 -4.84 8.07 -3.11
C SER A 6 -5.72 8.26 -1.87
N ASP A 7 -6.99 8.54 -2.11
CA ASP A 7 -7.98 8.59 -1.03
C ASP A 7 -8.27 7.19 -0.49
N HIS A 8 -8.25 6.20 -1.37
CA HIS A 8 -8.43 4.81 -0.97
C HIS A 8 -7.27 4.34 -0.10
N LEU A 9 -6.06 4.57 -0.57
CA LEU A 9 -4.87 4.14 0.15
C LEU A 9 -4.74 4.88 1.49
N LEU A 10 -5.12 6.16 1.49
CA LEU A 10 -5.08 6.95 2.71
C LEU A 10 -5.99 6.36 3.78
N SER A 11 -7.26 6.17 3.44
CA SER A 11 -8.23 5.66 4.41
C SER A 11 -7.94 4.21 4.76
N THR A 12 -7.35 3.48 3.83
CA THR A 12 -6.98 2.09 4.06
C THR A 12 -5.90 1.99 5.13
N LEU A 13 -4.83 2.77 4.98
CA LEU A 13 -3.71 2.73 5.89
C LEU A 13 -4.02 3.51 7.17
N GLU A 14 -4.99 4.40 7.09
CA GLU A 14 -5.49 5.11 8.27
C GLU A 14 -6.26 4.16 9.19
N GLU A 15 -7.14 3.35 8.60
CA GLU A 15 -7.96 2.42 9.35
C GLU A 15 -7.16 1.20 9.77
N LEU A 16 -6.05 0.96 9.08
CA LEU A 16 -5.12 -0.10 9.46
C LEU A 16 -4.53 0.13 10.84
N VAL A 17 -4.56 -0.90 11.67
CA VAL A 17 -4.00 -0.81 13.02
C VAL A 17 -2.56 -0.35 13.00
N PRO A 18 -2.24 0.66 13.81
CA PRO A 18 -0.92 1.26 13.81
C PRO A 18 0.16 0.21 13.98
N TYR A 19 -0.10 -0.77 14.85
CA TYR A 19 0.84 -1.85 15.09
C TYR A 19 0.98 -2.74 13.87
N ASP A 20 -0.10 -2.82 13.08
CA ASP A 20 -0.10 -3.65 11.87
C ASP A 20 0.36 -2.84 10.66
N PHE A 21 0.40 -1.53 10.82
CA PHE A 21 1.01 -0.66 9.81
C PHE A 21 2.53 -0.78 9.84
N GLU A 22 3.09 -0.97 11.03
CA GLU A 22 4.50 -1.32 11.16
C GLU A 22 4.80 -2.66 10.48
N LYS A 23 3.86 -3.59 10.58
CA LYS A 23 3.97 -4.86 9.88
C LYS A 23 3.77 -4.69 8.38
N PHE A 24 2.88 -3.77 8.02
CA PHE A 24 2.67 -3.42 6.62
C PHE A 24 3.96 -2.95 5.97
N LYS A 25 4.62 -1.99 6.61
CA LYS A 25 5.86 -1.44 6.09
C LYS A 25 6.99 -2.47 6.12
N PHE A 26 6.98 -3.31 7.15
CA PHE A 26 7.96 -4.39 7.26
C PHE A 26 7.89 -5.33 6.07
N LYS A 27 6.67 -5.69 5.68
CA LYS A 27 6.46 -6.62 4.57
C LYS A 27 6.57 -5.89 3.23
N LEU A 28 6.19 -4.62 3.22
CA LEU A 28 6.20 -3.83 1.99
C LEU A 28 7.60 -3.67 1.45
N GLN A 29 8.55 -3.36 2.33
CA GLN A 29 9.93 -3.14 1.94
C GLN A 29 10.58 -4.44 1.47
N ASN A 30 9.98 -5.56 1.82
CA ASN A 30 10.49 -6.87 1.41
C ASN A 30 9.77 -7.37 0.16
N THR A 31 8.58 -6.85 -0.08
CA THR A 31 7.77 -7.26 -1.24
C THR A 31 8.47 -6.90 -2.54
N SER A 32 8.60 -7.89 -3.42
CA SER A 32 9.19 -7.67 -4.74
C SER A 32 8.21 -6.98 -5.67
N VAL A 33 8.74 -6.10 -6.52
CA VAL A 33 7.91 -5.35 -7.46
C VAL A 33 8.39 -5.53 -8.90
N GLN A 34 7.56 -5.15 -9.85
CA GLN A 34 7.92 -5.22 -11.26
C GLN A 34 9.05 -4.25 -11.59
N LYS A 35 10.09 -4.76 -12.26
CA LYS A 35 11.28 -3.97 -12.52
C LYS A 35 10.94 -2.64 -13.19
N GLU A 36 9.96 -2.68 -14.09
CA GLU A 36 9.59 -1.51 -14.87
C GLU A 36 9.16 -0.36 -13.96
N HIS A 37 8.51 -0.70 -12.84
CA HIS A 37 8.00 0.31 -11.92
C HIS A 37 9.05 0.69 -10.88
N SER A 38 8.98 1.92 -10.41
CA SER A 38 10.02 2.47 -9.54
C SER A 38 9.81 2.04 -8.10
N ARG A 39 10.87 1.54 -7.47
CA ARG A 39 10.79 1.05 -6.10
C ARG A 39 11.06 2.17 -5.10
N ILE A 40 10.18 2.31 -4.12
CA ILE A 40 10.37 3.27 -3.04
C ILE A 40 11.45 2.80 -2.08
N PRO A 41 12.40 3.69 -1.78
CA PRO A 41 13.49 3.36 -0.87
C PRO A 41 12.97 2.77 0.44
N ARG A 42 13.67 1.76 0.94
CA ARG A 42 13.22 1.02 2.11
C ARG A 42 13.13 1.92 3.33
N SER A 43 14.11 2.81 3.48
CA SER A 43 14.14 3.75 4.60
C SER A 43 13.05 4.80 4.45
N GLN A 44 12.71 5.13 3.21
CA GLN A 44 11.62 6.06 2.94
C GLN A 44 10.28 5.46 3.34
N ILE A 45 10.10 4.17 3.07
CA ILE A 45 8.88 3.47 3.44
C ILE A 45 8.65 3.52 4.95
N GLN A 46 9.70 3.26 5.71
CA GLN A 46 9.60 3.20 7.17
C GLN A 46 9.25 4.58 7.74
N ARG A 47 9.77 5.62 7.11
CA ARG A 47 9.63 6.98 7.63
C ARG A 47 8.36 7.64 7.12
N ALA A 48 7.85 7.13 6.01
CA ALA A 48 6.69 7.72 5.36
C ALA A 48 5.42 7.48 6.16
N ARG A 49 4.52 8.45 6.16
CA ARG A 49 3.23 8.30 6.84
C ARG A 49 2.25 7.50 5.99
N PRO A 50 1.25 6.92 6.65
CA PRO A 50 0.19 6.20 5.96
C PRO A 50 -0.53 7.11 4.97
N VAL A 51 -0.50 8.41 5.24
CA VAL A 51 -1.07 9.40 4.32
C VAL A 51 -0.12 9.66 3.16
N LYS A 52 1.17 9.77 3.46
CA LYS A 52 2.17 10.04 2.44
C LYS A 52 2.28 8.90 1.45
N MET A 53 2.23 7.67 1.96
CA MET A 53 2.41 6.49 1.12
C MET A 53 1.30 6.38 0.08
N ALA A 54 0.13 6.91 0.41
CA ALA A 54 -1.00 6.91 -0.51
C ALA A 54 -0.65 7.60 -1.82
N THR A 55 0.15 8.66 -1.73
CA THR A 55 0.59 9.40 -2.91
C THR A 55 1.87 8.83 -3.48
N LEU A 56 2.78 8.43 -2.60
CA LEU A 56 4.08 7.92 -3.02
C LEU A 56 3.94 6.68 -3.90
N LEU A 57 3.06 5.76 -3.47
CA LEU A 57 2.85 4.52 -4.20
C LEU A 57 2.29 4.79 -5.59
N VAL A 58 1.39 5.76 -5.68
CA VAL A 58 0.82 6.16 -6.96
C VAL A 58 1.88 6.83 -7.85
N THR A 59 2.81 7.54 -7.21
CA THR A 59 3.85 8.27 -7.94
C THR A 59 4.82 7.31 -8.61
N TYR A 60 5.30 6.34 -7.86
CA TYR A 60 6.45 5.53 -8.28
C TYR A 60 5.99 4.26 -8.97
N TYR A 61 4.82 3.75 -8.57
CA TYR A 61 4.29 2.52 -9.13
C TYR A 61 3.11 2.79 -10.05
N GLY A 62 2.15 3.58 -9.56
CA GLY A 62 1.00 3.98 -10.36
C GLY A 62 -0.31 3.76 -9.59
N GLU A 63 -1.39 4.28 -10.13
CA GLU A 63 -2.67 4.27 -9.43
C GLU A 63 -3.14 2.84 -9.16
N GLU A 64 -3.09 2.00 -10.18
CA GLU A 64 -3.57 0.63 -10.07
C GLU A 64 -2.58 -0.25 -9.31
N TYR A 65 -1.31 -0.13 -9.67
CA TYR A 65 -0.27 -0.97 -9.09
C TYR A 65 -0.09 -0.68 -7.61
N ALA A 66 -0.30 0.58 -7.23
CA ALA A 66 -0.26 0.97 -5.82
C ALA A 66 -1.29 0.20 -5.01
N VAL A 67 -2.49 0.07 -5.55
CA VAL A 67 -3.56 -0.67 -4.88
C VAL A 67 -3.24 -2.15 -4.81
N GLN A 68 -2.67 -2.68 -5.90
CA GLN A 68 -2.35 -4.10 -5.97
C GLN A 68 -1.26 -4.46 -4.96
N LEU A 69 -0.26 -3.60 -4.85
CA LEU A 69 0.85 -3.83 -3.93
C LEU A 69 0.41 -3.73 -2.49
N THR A 70 -0.34 -2.68 -2.17
CA THR A 70 -0.86 -2.48 -0.82
C THR A 70 -1.76 -3.64 -0.40
N LEU A 71 -2.60 -4.09 -1.33
CA LEU A 71 -3.47 -5.23 -1.08
C LEU A 71 -2.65 -6.49 -0.81
N GLN A 72 -1.63 -6.71 -1.62
CA GLN A 72 -0.79 -7.90 -1.49
C GLN A 72 -0.13 -7.96 -0.13
N VAL A 73 0.34 -6.81 0.36
CA VAL A 73 1.00 -6.73 1.65
C VAL A 73 0.01 -6.92 2.80
N LEU A 74 -1.17 -6.34 2.66
CA LEU A 74 -2.23 -6.54 3.63
C LEU A 74 -2.71 -7.98 3.63
N ARG A 75 -2.66 -8.63 2.47
CA ARG A 75 -2.96 -10.05 2.38
C ARG A 75 -1.93 -10.88 3.13
N ALA A 76 -0.68 -10.43 3.12
CA ALA A 76 0.40 -11.14 3.77
C ALA A 76 0.22 -11.15 5.29
N ILE A 77 -0.53 -10.17 5.79
CA ILE A 77 -0.77 -10.06 7.23
C ILE A 77 -2.19 -10.46 7.59
N ASN A 78 -2.88 -11.08 6.64
CA ASN A 78 -4.20 -11.66 6.90
C ASN A 78 -5.21 -10.57 7.22
N GLN A 79 -5.13 -9.44 6.52
CA GLN A 79 -6.10 -8.36 6.66
C GLN A 79 -7.18 -8.46 5.60
N ARG A 80 -8.24 -9.21 5.90
CA ARG A 80 -9.27 -9.50 4.92
C ARG A 80 -10.10 -8.26 4.60
N LEU A 81 -10.38 -7.46 5.62
CA LEU A 81 -11.24 -6.30 5.47
C LEU A 81 -10.68 -5.32 4.44
N LEU A 82 -9.47 -4.84 4.70
CA LEU A 82 -8.87 -3.79 3.87
C LEU A 82 -8.46 -4.35 2.51
N ALA A 83 -8.18 -5.65 2.47
CA ALA A 83 -7.87 -6.32 1.21
C ALA A 83 -9.06 -6.27 0.25
N GLU A 84 -10.25 -6.52 0.79
CA GLU A 84 -11.47 -6.43 0.00
C GLU A 84 -11.74 -4.99 -0.44
N GLU A 85 -11.48 -4.04 0.47
CA GLU A 85 -11.69 -2.63 0.17
C GLU A 85 -10.81 -2.17 -0.99
N LEU A 86 -9.58 -2.70 -1.03
CA LEU A 86 -8.65 -2.37 -2.12
C LEU A 86 -9.00 -3.14 -3.39
N HIS A 87 -9.54 -4.34 -3.22
CA HIS A 87 -10.07 -5.11 -4.34
C HIS A 87 -11.21 -4.37 -5.02
N ARG A 88 -12.10 -3.79 -4.22
CA ARG A 88 -13.23 -3.03 -4.74
C ARG A 88 -12.77 -1.68 -5.31
N ALA A 89 -11.70 -1.14 -4.74
CA ALA A 89 -11.08 0.06 -5.27
C ALA A 89 -10.45 -0.21 -6.63
N ALA A 90 -9.80 -1.37 -6.76
CA ALA A 90 -9.19 -1.76 -8.02
C ALA A 90 -10.24 -1.95 -9.11
N ILE A 91 -11.41 -2.43 -8.72
CA ILE A 91 -12.54 -2.53 -9.65
C ILE A 91 -12.99 -1.16 -10.13
N GLN A 92 -12.98 -0.19 -9.23
CA GLN A 92 -13.37 1.18 -9.57
C GLN A 92 -12.31 1.85 -10.43
N LEU A 93 -11.07 1.40 -10.29
CA LEU A 93 -9.97 1.89 -11.13
C LEU A 93 -10.02 1.27 -12.52
N THR A 4 -9.76 9.97 -5.26
CA THR A 4 -8.67 9.41 -6.04
C THR A 4 -8.21 8.07 -5.46
N PRO A 5 -7.48 7.31 -6.26
CA PRO A 5 -6.97 6.01 -5.82
C PRO A 5 -6.17 6.15 -4.52
N SER A 6 -5.49 7.27 -4.37
CA SER A 6 -4.64 7.50 -3.21
C SER A 6 -5.47 7.68 -1.94
N ASP A 7 -6.73 8.07 -2.11
CA ASP A 7 -7.65 8.19 -0.99
C ASP A 7 -8.22 6.84 -0.60
N HIS A 8 -8.44 5.98 -1.60
CA HIS A 8 -8.87 4.62 -1.36
C HIS A 8 -7.76 3.79 -0.72
N LEU A 9 -6.52 4.12 -1.07
CA LEU A 9 -5.36 3.51 -0.43
C LEU A 9 -5.19 3.99 1.00
N LEU A 10 -5.37 5.29 1.21
CA LEU A 10 -5.31 5.87 2.54
C LEU A 10 -6.38 5.29 3.45
N SER A 11 -7.56 5.07 2.88
CA SER A 11 -8.69 4.54 3.65
C SER A 11 -8.31 3.28 4.40
N THR A 12 -7.67 2.35 3.71
CA THR A 12 -7.31 1.07 4.28
C THR A 12 -6.14 1.21 5.26
N LEU A 13 -5.33 2.25 5.06
CA LEU A 13 -4.21 2.53 5.93
C LEU A 13 -4.68 3.21 7.22
N GLU A 14 -5.81 3.90 7.13
CA GLU A 14 -6.44 4.47 8.31
C GLU A 14 -7.14 3.40 9.15
N GLU A 15 -7.65 2.38 8.48
CA GLU A 15 -8.26 1.25 9.16
C GLU A 15 -7.24 0.46 9.96
N LEU A 16 -6.00 0.46 9.48
CA LEU A 16 -4.90 -0.18 10.20
C LEU A 16 -4.51 0.61 11.43
N VAL A 17 -4.31 -0.09 12.55
CA VAL A 17 -3.76 0.51 13.75
C VAL A 17 -2.26 0.74 13.62
N PRO A 18 -1.71 1.59 14.49
CA PRO A 18 -0.31 1.98 14.39
C PRO A 18 0.60 0.77 14.32
N TYR A 19 0.20 -0.31 14.99
CA TYR A 19 1.01 -1.52 15.05
C TYR A 19 0.93 -2.32 13.75
N ASP A 20 -0.25 -2.30 13.14
CA ASP A 20 -0.47 -3.03 11.90
C ASP A 20 -0.04 -2.21 10.68
N PHE A 21 0.00 -0.89 10.85
CA PHE A 21 0.59 -0.01 9.85
C PHE A 21 2.10 -0.14 9.82
N GLU A 22 2.72 -0.21 11.00
CA GLU A 22 4.14 -0.53 11.11
C GLU A 22 4.45 -1.87 10.45
N LYS A 23 3.63 -2.87 10.74
CA LYS A 23 3.73 -4.16 10.07
C LYS A 23 3.55 -4.02 8.56
N PHE A 24 2.57 -3.22 8.17
CA PHE A 24 2.32 -2.95 6.76
C PHE A 24 3.58 -2.42 6.07
N LYS A 25 4.22 -1.44 6.70
CA LYS A 25 5.42 -0.82 6.15
C LYS A 25 6.54 -1.83 6.01
N PHE A 26 6.69 -2.69 7.01
CA PHE A 26 7.76 -3.69 7.03
C PHE A 26 7.51 -4.76 5.98
N LYS A 27 6.25 -5.03 5.69
CA LYS A 27 5.89 -6.07 4.73
C LYS A 27 6.02 -5.57 3.29
N LEU A 28 5.82 -4.27 3.11
CA LEU A 28 6.05 -3.64 1.81
C LEU A 28 7.51 -3.74 1.39
N GLN A 29 8.40 -3.63 2.36
CA GLN A 29 9.83 -3.79 2.12
C GLN A 29 10.15 -5.20 1.63
N ASN A 30 9.46 -6.18 2.18
CA ASN A 30 9.65 -7.57 1.80
C ASN A 30 8.96 -7.89 0.48
N THR A 31 7.87 -7.19 0.22
CA THR A 31 7.11 -7.40 -1.02
C THR A 31 7.93 -7.05 -2.25
N SER A 32 7.85 -7.89 -3.27
CA SER A 32 8.60 -7.69 -4.49
C SER A 32 8.13 -6.44 -5.23
N VAL A 33 8.89 -6.03 -6.25
CA VAL A 33 8.62 -4.78 -6.95
C VAL A 33 8.17 -5.06 -8.38
N GLN A 34 7.59 -4.03 -9.02
CA GLN A 34 7.02 -4.18 -10.35
C GLN A 34 8.08 -3.98 -11.42
N LYS A 35 7.85 -4.56 -12.59
CA LYS A 35 8.84 -4.53 -13.67
C LYS A 35 8.85 -3.17 -14.35
N GLU A 36 10.05 -2.61 -14.51
CA GLU A 36 10.22 -1.30 -15.13
C GLU A 36 9.48 -0.22 -14.33
N HIS A 37 9.54 -0.33 -13.01
CA HIS A 37 9.04 0.73 -12.13
C HIS A 37 10.05 1.04 -11.03
N SER A 38 9.94 2.24 -10.46
CA SER A 38 10.93 2.73 -9.52
C SER A 38 10.76 2.08 -8.16
N ARG A 39 11.88 1.80 -7.50
CA ARG A 39 11.86 1.17 -6.18
C ARG A 39 11.89 2.22 -5.07
N ILE A 40 11.12 1.99 -4.02
CA ILE A 40 11.04 2.90 -2.90
C ILE A 40 12.07 2.57 -1.83
N PRO A 41 12.88 3.56 -1.46
CA PRO A 41 13.87 3.39 -0.41
C PRO A 41 13.23 2.85 0.86
N ARG A 42 13.87 1.85 1.46
CA ARG A 42 13.35 1.21 2.66
C ARG A 42 13.27 2.20 3.81
N SER A 43 14.22 3.13 3.85
CA SER A 43 14.23 4.17 4.87
C SER A 43 13.01 5.08 4.75
N GLN A 44 12.55 5.28 3.52
CA GLN A 44 11.37 6.11 3.28
C GLN A 44 10.10 5.35 3.63
N ILE A 45 10.07 4.06 3.31
CA ILE A 45 8.89 3.24 3.58
C ILE A 45 8.54 3.23 5.05
N GLN A 46 9.55 3.02 5.90
CA GLN A 46 9.32 2.85 7.33
C GLN A 46 9.08 4.19 8.00
N ARG A 47 9.39 5.28 7.28
CA ARG A 47 9.27 6.62 7.83
C ARG A 47 8.12 7.38 7.17
N ALA A 48 7.45 6.73 6.24
CA ALA A 48 6.36 7.36 5.51
C ALA A 48 5.06 7.33 6.31
N ARG A 49 4.33 8.44 6.29
CA ARG A 49 2.98 8.48 6.83
C ARG A 49 1.99 7.75 5.93
N PRO A 50 0.85 7.38 6.50
CA PRO A 50 -0.18 6.67 5.74
C PRO A 50 -0.49 7.38 4.43
N VAL A 51 -0.48 8.71 4.47
CA VAL A 51 -0.68 9.52 3.26
C VAL A 51 0.49 9.37 2.30
N LYS A 52 1.70 9.37 2.85
CA LYS A 52 2.91 9.30 2.04
C LYS A 52 3.09 7.91 1.44
N MET A 53 2.53 6.90 2.10
CA MET A 53 2.65 5.52 1.63
C MET A 53 1.92 5.34 0.31
N ALA A 54 0.69 5.82 0.24
CA ALA A 54 -0.08 5.77 -1.01
C ALA A 54 0.56 6.64 -2.09
N THR A 55 1.00 7.82 -1.70
CA THR A 55 1.63 8.74 -2.64
C THR A 55 2.88 8.12 -3.25
N LEU A 56 3.69 7.47 -2.42
CA LEU A 56 4.94 6.87 -2.87
C LEU A 56 4.69 5.76 -3.88
N LEU A 57 3.71 4.91 -3.58
CA LEU A 57 3.38 3.77 -4.43
C LEU A 57 2.87 4.25 -5.79
N VAL A 58 2.09 5.32 -5.78
CA VAL A 58 1.55 5.89 -7.01
C VAL A 58 2.64 6.57 -7.83
N THR A 59 3.53 7.29 -7.14
CA THR A 59 4.60 8.02 -7.82
C THR A 59 5.63 7.08 -8.41
N TYR A 60 6.04 6.09 -7.63
CA TYR A 60 7.15 5.23 -8.01
C TYR A 60 6.72 4.16 -9.00
N TYR A 61 5.50 3.67 -8.83
CA TYR A 61 5.00 2.54 -9.61
C TYR A 61 3.82 2.95 -10.48
N GLY A 62 2.80 3.53 -9.86
CA GLY A 62 1.62 3.98 -10.57
C GLY A 62 0.35 3.72 -9.76
N GLU A 63 -0.76 4.29 -10.22
CA GLU A 63 -2.03 4.16 -9.51
C GLU A 63 -2.50 2.70 -9.51
N GLU A 64 -2.46 2.06 -10.68
CA GLU A 64 -2.91 0.68 -10.81
C GLU A 64 -1.99 -0.27 -10.07
N TYR A 65 -0.71 0.09 -9.99
CA TYR A 65 0.29 -0.75 -9.35
C TYR A 65 0.34 -0.50 -7.85
N ALA A 66 -0.07 0.69 -7.43
CA ALA A 66 -0.18 1.03 -6.02
C ALA A 66 -1.26 0.19 -5.35
N VAL A 67 -2.36 -0.04 -6.07
CA VAL A 67 -3.43 -0.89 -5.58
C VAL A 67 -2.97 -2.34 -5.44
N GLN A 68 -2.26 -2.82 -6.45
CA GLN A 68 -1.78 -4.20 -6.45
C GLN A 68 -0.77 -4.43 -5.33
N LEU A 69 0.14 -3.48 -5.16
CA LEU A 69 1.17 -3.56 -4.13
C LEU A 69 0.56 -3.49 -2.74
N THR A 70 -0.31 -2.51 -2.52
CA THR A 70 -0.97 -2.35 -1.24
C THR A 70 -1.81 -3.57 -0.90
N LEU A 71 -2.59 -4.05 -1.87
CA LEU A 71 -3.41 -5.24 -1.68
C LEU A 71 -2.56 -6.43 -1.25
N GLN A 72 -1.45 -6.63 -1.94
CA GLN A 72 -0.55 -7.74 -1.65
C GLN A 72 -0.03 -7.65 -0.22
N VAL A 73 0.31 -6.45 0.22
CA VAL A 73 0.82 -6.24 1.56
C VAL A 73 -0.28 -6.40 2.61
N LEU A 74 -1.48 -5.97 2.26
CA LEU A 74 -2.63 -6.14 3.14
C LEU A 74 -2.88 -7.61 3.44
N ARG A 75 -2.68 -8.45 2.43
CA ARG A 75 -2.73 -9.90 2.63
C ARG A 75 -1.53 -10.40 3.40
N ALA A 76 -0.38 -9.77 3.18
CA ALA A 76 0.86 -10.18 3.83
C ALA A 76 0.79 -9.95 5.33
N ILE A 77 0.03 -8.94 5.74
CA ILE A 77 -0.09 -8.59 7.15
C ILE A 77 -1.28 -9.31 7.79
N ASN A 78 -1.95 -10.14 7.01
CA ASN A 78 -3.10 -10.89 7.49
C ASN A 78 -4.31 -9.98 7.68
N GLN A 79 -4.59 -9.16 6.67
CA GLN A 79 -5.81 -8.36 6.65
C GLN A 79 -6.54 -8.52 5.32
N ARG A 80 -7.10 -9.70 5.08
CA ARG A 80 -7.74 -10.00 3.81
C ARG A 80 -8.96 -9.13 3.58
N LEU A 81 -9.62 -8.73 4.67
CA LEU A 81 -10.77 -7.85 4.60
C LEU A 81 -10.42 -6.56 3.85
N LEU A 82 -9.36 -5.89 4.29
CA LEU A 82 -8.94 -4.64 3.68
C LEU A 82 -8.49 -4.86 2.24
N ALA A 83 -7.87 -6.00 1.99
CA ALA A 83 -7.43 -6.35 0.64
C ALA A 83 -8.60 -6.48 -0.31
N GLU A 84 -9.70 -7.07 0.18
CA GLU A 84 -10.89 -7.24 -0.63
C GLU A 84 -11.67 -5.94 -0.78
N GLU A 85 -11.61 -5.11 0.25
CA GLU A 85 -12.23 -3.79 0.20
C GLU A 85 -11.46 -2.85 -0.73
N LEU A 86 -10.15 -3.03 -0.79
CA LEU A 86 -9.32 -2.30 -1.75
C LEU A 86 -9.57 -2.77 -3.17
N HIS A 87 -9.73 -4.07 -3.34
CA HIS A 87 -10.18 -4.64 -4.61
C HIS A 87 -11.52 -4.05 -5.03
N ARG A 88 -12.45 -3.95 -4.08
CA ARG A 88 -13.75 -3.34 -4.34
C ARG A 88 -13.62 -1.86 -4.65
N ALA A 89 -12.67 -1.20 -4.00
CA ALA A 89 -12.36 0.20 -4.28
C ALA A 89 -11.81 0.36 -5.70
N ALA A 90 -10.99 -0.58 -6.12
CA ALA A 90 -10.43 -0.56 -7.47
C ALA A 90 -11.53 -0.76 -8.51
N ILE A 91 -12.54 -1.55 -8.17
CA ILE A 91 -13.71 -1.71 -9.02
C ILE A 91 -14.47 -0.40 -9.15
N GLN A 92 -14.61 0.32 -8.05
CA GLN A 92 -15.27 1.62 -8.04
C GLN A 92 -14.47 2.63 -8.86
N LEU A 93 -13.15 2.55 -8.78
CA LEU A 93 -12.27 3.42 -9.56
C LEU A 93 -12.44 3.17 -11.06
N THR A 4 -9.06 9.13 -6.61
CA THR A 4 -7.71 8.68 -6.96
C THR A 4 -7.25 7.57 -6.03
N PRO A 5 -6.28 6.78 -6.50
CA PRO A 5 -5.74 5.68 -5.71
C PRO A 5 -5.01 6.20 -4.48
N SER A 6 -4.62 7.47 -4.51
CA SER A 6 -3.93 8.09 -3.38
C SER A 6 -4.90 8.40 -2.24
N ASP A 7 -6.20 8.39 -2.55
CA ASP A 7 -7.23 8.57 -1.55
C ASP A 7 -7.75 7.22 -1.06
N HIS A 8 -7.81 6.25 -1.97
CA HIS A 8 -8.25 4.90 -1.63
C HIS A 8 -7.23 4.19 -0.76
N LEU A 9 -5.96 4.38 -1.07
CA LEU A 9 -4.88 3.81 -0.26
C LEU A 9 -4.79 4.53 1.08
N LEU A 10 -5.07 5.82 1.09
CA LEU A 10 -5.11 6.60 2.33
C LEU A 10 -6.13 6.01 3.30
N SER A 11 -7.37 5.86 2.83
CA SER A 11 -8.45 5.37 3.68
C SER A 11 -8.17 3.96 4.17
N THR A 12 -7.60 3.13 3.29
CA THR A 12 -7.26 1.76 3.64
C THR A 12 -6.20 1.72 4.74
N LEU A 13 -5.17 2.55 4.60
CA LEU A 13 -4.09 2.61 5.58
C LEU A 13 -4.55 3.34 6.84
N GLU A 14 -5.56 4.20 6.71
CA GLU A 14 -6.14 4.87 7.85
C GLU A 14 -6.91 3.89 8.74
N GLU A 15 -7.67 3.01 8.11
CA GLU A 15 -8.43 2.00 8.84
C GLU A 15 -7.55 0.84 9.27
N LEU A 16 -6.41 0.69 8.63
CA LEU A 16 -5.43 -0.31 9.00
C LEU A 16 -4.91 -0.09 10.42
N VAL A 17 -4.96 -1.13 11.24
CA VAL A 17 -4.49 -1.04 12.61
C VAL A 17 -3.04 -0.57 12.67
N PRO A 18 -2.78 0.43 13.51
CA PRO A 18 -1.47 1.05 13.59
C PRO A 18 -0.39 -0.01 13.78
N TYR A 19 -0.67 -1.01 14.60
CA TYR A 19 0.27 -2.09 14.84
C TYR A 19 0.53 -2.90 13.57
N ASP A 20 -0.51 -3.03 12.74
CA ASP A 20 -0.39 -3.75 11.48
C ASP A 20 0.10 -2.84 10.37
N PHE A 21 0.01 -1.53 10.60
CA PHE A 21 0.60 -0.56 9.68
C PHE A 21 2.11 -0.58 9.74
N GLU A 22 2.65 -0.73 10.95
CA GLU A 22 4.07 -0.98 11.14
C GLU A 22 4.50 -2.26 10.44
N LYS A 23 3.73 -3.32 10.63
CA LYS A 23 3.94 -4.57 9.92
C LYS A 23 3.84 -4.37 8.40
N PHE A 24 2.92 -3.50 8.00
CA PHE A 24 2.72 -3.22 6.57
C PHE A 24 4.01 -2.68 5.94
N LYS A 25 4.59 -1.66 6.56
CA LYS A 25 5.79 -1.03 6.04
C LYS A 25 7.01 -1.91 6.26
N PHE A 26 6.91 -2.84 7.20
CA PHE A 26 7.95 -3.85 7.42
C PHE A 26 7.93 -4.90 6.31
N LYS A 27 6.77 -5.05 5.67
CA LYS A 27 6.62 -6.01 4.59
C LYS A 27 6.91 -5.36 3.23
N LEU A 28 6.62 -4.07 3.13
CA LEU A 28 6.87 -3.32 1.91
C LEU A 28 8.32 -3.50 1.45
N GLN A 29 9.25 -3.33 2.38
CA GLN A 29 10.67 -3.40 2.06
C GLN A 29 11.09 -4.83 1.72
N ASN A 30 10.30 -5.79 2.19
CA ASN A 30 10.63 -7.21 2.00
C ASN A 30 9.73 -7.84 0.95
N THR A 31 8.91 -7.02 0.31
CA THR A 31 8.03 -7.50 -0.75
C THR A 31 8.52 -7.01 -2.11
N SER A 32 8.63 -7.94 -3.06
CA SER A 32 9.13 -7.61 -4.39
C SER A 32 8.09 -6.86 -5.21
N VAL A 33 8.55 -6.16 -6.24
CA VAL A 33 7.65 -5.39 -7.10
C VAL A 33 7.92 -5.66 -8.57
N GLN A 34 7.05 -5.14 -9.43
CA GLN A 34 7.20 -5.34 -10.87
C GLN A 34 8.29 -4.44 -11.44
N LYS A 35 8.79 -4.80 -12.61
CA LYS A 35 9.88 -4.07 -13.24
C LYS A 35 9.37 -2.90 -14.07
N GLU A 36 8.05 -2.75 -14.10
CA GLU A 36 7.42 -1.63 -14.82
C GLU A 36 7.78 -0.30 -14.19
N HIS A 37 7.89 -0.28 -12.86
CA HIS A 37 8.20 0.94 -12.13
C HIS A 37 9.43 0.75 -11.24
N SER A 38 9.94 1.85 -10.70
CA SER A 38 11.07 1.81 -9.79
C SER A 38 10.65 1.34 -8.41
N ARG A 39 11.62 0.87 -7.63
CA ARG A 39 11.34 0.40 -6.27
C ARG A 39 11.45 1.54 -5.26
N ILE A 40 10.39 1.76 -4.50
CA ILE A 40 10.38 2.78 -3.46
C ILE A 40 11.50 2.55 -2.46
N PRO A 41 12.25 3.60 -2.16
CA PRO A 41 13.36 3.51 -1.22
C PRO A 41 12.89 2.96 0.13
N ARG A 42 13.76 2.19 0.77
CA ARG A 42 13.46 1.61 2.08
C ARG A 42 13.29 2.69 3.13
N SER A 43 14.04 3.78 2.98
CA SER A 43 13.91 4.93 3.85
C SER A 43 12.54 5.59 3.71
N GLN A 44 12.06 5.67 2.47
CA GLN A 44 10.75 6.23 2.19
C GLN A 44 9.65 5.35 2.79
N ILE A 45 9.87 4.04 2.79
CA ILE A 45 8.92 3.10 3.35
C ILE A 45 8.79 3.29 4.87
N GLN A 46 9.91 3.26 5.56
CA GLN A 46 9.93 3.22 7.02
C GLN A 46 9.47 4.55 7.61
N ARG A 47 9.57 5.61 6.81
CA ARG A 47 9.24 6.95 7.27
C ARG A 47 7.90 7.41 6.71
N ALA A 48 7.23 6.51 6.00
CA ALA A 48 5.95 6.84 5.38
C ALA A 48 4.83 6.90 6.40
N ARG A 49 4.09 8.01 6.40
CA ARG A 49 2.89 8.13 7.21
C ARG A 49 1.71 7.43 6.55
N PRO A 50 0.67 7.15 7.33
CA PRO A 50 -0.53 6.52 6.82
C PRO A 50 -1.08 7.26 5.60
N VAL A 51 -0.94 8.58 5.62
CA VAL A 51 -1.38 9.41 4.50
C VAL A 51 -0.29 9.54 3.45
N LYS A 52 0.92 9.83 3.91
CA LYS A 52 2.05 10.06 3.00
C LYS A 52 2.35 8.82 2.18
N MET A 53 2.19 7.65 2.78
CA MET A 53 2.50 6.39 2.12
C MET A 53 1.68 6.22 0.85
N ALA A 54 0.40 6.54 0.92
CA ALA A 54 -0.49 6.46 -0.23
C ALA A 54 0.03 7.31 -1.39
N THR A 55 0.46 8.52 -1.08
CA THR A 55 1.03 9.42 -2.08
C THR A 55 2.32 8.86 -2.65
N LEU A 56 3.17 8.33 -1.77
CA LEU A 56 4.45 7.78 -2.19
C LEU A 56 4.26 6.60 -3.14
N LEU A 57 3.32 5.73 -2.81
CA LEU A 57 3.07 4.54 -3.62
C LEU A 57 2.55 4.91 -5.00
N VAL A 58 1.68 5.90 -5.06
CA VAL A 58 1.12 6.37 -6.33
C VAL A 58 2.16 7.15 -7.13
N THR A 59 3.11 7.75 -6.42
CA THR A 59 4.20 8.47 -7.07
C THR A 59 5.19 7.51 -7.71
N TYR A 60 5.63 6.52 -6.93
CA TYR A 60 6.69 5.61 -7.38
C TYR A 60 6.14 4.54 -8.30
N TYR A 61 4.87 4.17 -8.07
CA TYR A 61 4.24 3.09 -8.83
C TYR A 61 3.02 3.58 -9.58
N GLY A 62 2.50 2.73 -10.46
CA GLY A 62 1.32 3.08 -11.25
C GLY A 62 0.05 3.04 -10.41
N GLU A 63 -1.08 3.37 -11.02
CA GLU A 63 -2.35 3.43 -10.31
C GLU A 63 -2.79 2.04 -9.88
N GLU A 64 -2.58 1.05 -10.75
CA GLU A 64 -2.97 -0.32 -10.46
C GLU A 64 -1.85 -1.06 -9.75
N TYR A 65 -0.62 -0.58 -9.91
CA TYR A 65 0.55 -1.23 -9.33
C TYR A 65 0.69 -0.89 -7.86
N ALA A 66 0.38 0.35 -7.51
CA ALA A 66 0.37 0.78 -6.12
C ALA A 66 -0.72 0.04 -5.33
N VAL A 67 -1.88 -0.12 -5.94
CA VAL A 67 -2.99 -0.82 -5.30
C VAL A 67 -2.70 -2.32 -5.19
N GLN A 68 -2.19 -2.91 -6.26
CA GLN A 68 -1.84 -4.32 -6.26
C GLN A 68 -0.83 -4.64 -5.17
N LEU A 69 0.22 -3.84 -5.09
CA LEU A 69 1.24 -4.01 -4.07
C LEU A 69 0.64 -3.96 -2.67
N THR A 70 -0.12 -2.90 -2.40
CA THR A 70 -0.78 -2.74 -1.11
C THR A 70 -1.66 -3.93 -0.78
N LEU A 71 -2.45 -4.35 -1.76
CA LEU A 71 -3.38 -5.46 -1.56
C LEU A 71 -2.64 -6.72 -1.11
N GLN A 72 -1.54 -7.03 -1.79
CA GLN A 72 -0.79 -8.25 -1.50
C GLN A 72 -0.18 -8.19 -0.11
N VAL A 73 0.30 -7.02 0.27
CA VAL A 73 0.93 -6.83 1.58
C VAL A 73 -0.11 -6.88 2.70
N LEU A 74 -1.29 -6.35 2.42
CA LEU A 74 -2.41 -6.42 3.36
C LEU A 74 -2.72 -7.86 3.75
N ARG A 75 -2.73 -8.74 2.75
CA ARG A 75 -2.91 -10.17 3.01
C ARG A 75 -1.75 -10.75 3.80
N ALA A 76 -0.56 -10.22 3.57
CA ALA A 76 0.64 -10.69 4.25
C ALA A 76 0.59 -10.36 5.74
N ILE A 77 -0.13 -9.29 6.07
CA ILE A 77 -0.21 -8.83 7.45
C ILE A 77 -1.56 -9.17 8.07
N ASN A 78 -2.23 -10.17 7.51
CA ASN A 78 -3.45 -10.70 8.10
C ASN A 78 -4.57 -9.67 8.04
N GLN A 79 -4.68 -8.99 6.91
CA GLN A 79 -5.81 -8.08 6.67
C GLN A 79 -6.47 -8.36 5.32
N ARG A 80 -7.12 -9.51 5.22
CA ARG A 80 -7.85 -9.87 4.01
C ARG A 80 -9.06 -8.97 3.81
N LEU A 81 -9.62 -8.49 4.92
CA LEU A 81 -10.73 -7.54 4.87
C LEU A 81 -10.35 -6.30 4.06
N LEU A 82 -9.25 -5.67 4.44
CA LEU A 82 -8.79 -4.46 3.78
C LEU A 82 -8.35 -4.75 2.35
N ALA A 83 -7.81 -5.94 2.14
CA ALA A 83 -7.41 -6.37 0.80
C ALA A 83 -8.60 -6.43 -0.14
N GLU A 84 -9.71 -6.97 0.34
CA GLU A 84 -10.94 -7.03 -0.45
C GLU A 84 -11.52 -5.64 -0.66
N GLU A 85 -11.56 -4.86 0.40
CA GLU A 85 -12.13 -3.51 0.33
C GLU A 85 -11.32 -2.62 -0.59
N LEU A 86 -10.00 -2.83 -0.61
CA LEU A 86 -9.12 -2.11 -1.53
C LEU A 86 -9.38 -2.53 -2.97
N HIS A 87 -9.54 -3.83 -3.19
CA HIS A 87 -9.91 -4.35 -4.50
C HIS A 87 -11.23 -3.75 -4.98
N ARG A 88 -12.20 -3.69 -4.08
CA ARG A 88 -13.51 -3.12 -4.41
C ARG A 88 -13.40 -1.64 -4.70
N ALA A 89 -12.51 -0.96 -3.99
CA ALA A 89 -12.21 0.44 -4.26
C ALA A 89 -11.56 0.61 -5.64
N ALA A 90 -10.70 -0.34 -5.98
CA ALA A 90 -10.03 -0.32 -7.28
C ALA A 90 -11.03 -0.52 -8.41
N ILE A 91 -12.05 -1.33 -8.16
CA ILE A 91 -13.14 -1.52 -9.12
C ILE A 91 -13.87 -0.22 -9.37
N GLN A 92 -14.12 0.54 -8.31
CA GLN A 92 -14.76 1.84 -8.42
C GLN A 92 -13.81 2.86 -9.04
N LEU A 93 -12.52 2.71 -8.76
CA LEU A 93 -11.52 3.62 -9.31
C LEU A 93 -11.52 3.62 -10.82
N THR A 4 -10.31 8.73 -6.30
CA THR A 4 -9.02 8.31 -6.85
C THR A 4 -8.50 7.08 -6.11
N PRO A 5 -7.68 6.29 -6.80
CA PRO A 5 -7.04 5.13 -6.19
C PRO A 5 -6.09 5.55 -5.08
N SER A 6 -5.58 6.77 -5.18
CA SER A 6 -4.72 7.32 -4.13
C SER A 6 -5.49 7.55 -2.84
N ASP A 7 -6.66 8.17 -2.96
CA ASP A 7 -7.52 8.42 -1.81
C ASP A 7 -8.07 7.11 -1.25
N HIS A 8 -8.33 6.15 -2.14
CA HIS A 8 -8.78 4.83 -1.72
C HIS A 8 -7.73 4.13 -0.86
N LEU A 9 -6.47 4.20 -1.29
CA LEU A 9 -5.37 3.65 -0.53
C LEU A 9 -5.16 4.42 0.77
N LEU A 10 -5.34 5.75 0.70
CA LEU A 10 -5.18 6.60 1.87
C LEU A 10 -6.04 6.11 3.03
N SER A 11 -7.34 5.99 2.80
CA SER A 11 -8.28 5.56 3.82
C SER A 11 -8.01 4.11 4.22
N THR A 12 -7.89 3.24 3.22
CA THR A 12 -7.66 1.82 3.47
C THR A 12 -6.47 1.61 4.40
N LEU A 13 -5.41 2.36 4.17
CA LEU A 13 -4.21 2.25 4.99
C LEU A 13 -4.36 2.99 6.32
N GLU A 14 -5.06 4.12 6.28
CA GLU A 14 -5.38 4.87 7.49
C GLU A 14 -6.11 4.01 8.51
N GLU A 15 -6.89 3.05 8.01
CA GLU A 15 -7.73 2.23 8.86
C GLU A 15 -6.91 1.11 9.51
N LEU A 16 -5.62 1.07 9.21
CA LEU A 16 -4.71 0.16 9.88
C LEU A 16 -4.43 0.61 11.31
N VAL A 17 -3.97 -0.32 12.14
CA VAL A 17 -3.52 0.01 13.49
C VAL A 17 -2.01 0.17 13.54
N PRO A 18 -1.52 0.80 14.61
CA PRO A 18 -0.10 1.09 14.75
C PRO A 18 0.74 -0.16 14.54
N TYR A 19 0.19 -1.30 14.94
CA TYR A 19 0.90 -2.58 14.83
C TYR A 19 0.93 -3.08 13.40
N ASP A 20 -0.12 -2.75 12.64
CA ASP A 20 -0.24 -3.21 11.26
C ASP A 20 0.39 -2.21 10.29
N PHE A 21 0.60 -0.99 10.77
CA PHE A 21 1.41 -0.02 10.04
C PHE A 21 2.86 -0.45 9.96
N GLU A 22 3.37 -1.02 11.06
CA GLU A 22 4.70 -1.60 11.09
C GLU A 22 4.79 -2.82 10.19
N LYS A 23 3.84 -3.73 10.33
CA LYS A 23 3.79 -4.94 9.52
C LYS A 23 3.66 -4.58 8.04
N PHE A 24 2.92 -3.53 7.74
CA PHE A 24 2.72 -3.09 6.37
C PHE A 24 4.03 -2.62 5.74
N LYS A 25 4.73 -1.73 6.44
CA LYS A 25 5.95 -1.15 5.92
C LYS A 25 7.09 -2.16 5.92
N PHE A 26 6.94 -3.20 6.73
CA PHE A 26 7.88 -4.32 6.72
C PHE A 26 7.76 -5.14 5.45
N LYS A 27 6.55 -5.15 4.88
CA LYS A 27 6.31 -5.86 3.63
C LYS A 27 6.65 -4.99 2.43
N LEU A 28 6.63 -3.68 2.63
CA LEU A 28 7.11 -2.74 1.62
C LEU A 28 8.60 -2.91 1.37
N GLN A 29 9.34 -3.22 2.43
CA GLN A 29 10.78 -3.48 2.31
C GLN A 29 11.03 -4.86 1.70
N ASN A 30 10.03 -5.73 1.77
CA ASN A 30 10.14 -7.07 1.20
C ASN A 30 9.43 -7.15 -0.14
N THR A 31 9.11 -6.00 -0.71
CA THR A 31 8.43 -5.93 -2.00
C THR A 31 9.40 -6.20 -3.15
N SER A 32 9.02 -7.12 -4.03
CA SER A 32 9.76 -7.34 -5.27
C SER A 32 9.43 -6.27 -6.31
N VAL A 33 10.47 -5.71 -6.93
CA VAL A 33 10.29 -4.57 -7.81
C VAL A 33 10.75 -4.91 -9.23
N GLN A 34 9.88 -4.66 -10.20
CA GLN A 34 10.20 -4.91 -11.60
C GLN A 34 10.89 -3.70 -12.24
N LYS A 35 11.52 -3.92 -13.38
CA LYS A 35 12.25 -2.86 -14.07
C LYS A 35 11.30 -1.76 -14.53
N GLU A 36 10.03 -2.12 -14.72
CA GLU A 36 9.03 -1.15 -15.17
C GLU A 36 8.73 -0.12 -14.08
N HIS A 37 8.87 -0.53 -12.83
CA HIS A 37 8.51 0.31 -11.70
C HIS A 37 9.75 0.77 -10.94
N SER A 38 9.56 1.77 -10.08
CA SER A 38 10.65 2.27 -9.24
C SER A 38 10.48 1.80 -7.80
N ARG A 39 11.60 1.59 -7.11
CA ARG A 39 11.57 1.14 -5.73
C ARG A 39 11.54 2.32 -4.76
N ILE A 40 10.63 2.26 -3.79
CA ILE A 40 10.59 3.26 -2.73
C ILE A 40 11.77 3.11 -1.78
N PRO A 41 12.51 4.19 -1.59
CA PRO A 41 13.63 4.21 -0.66
C PRO A 41 13.21 3.70 0.71
N ARG A 42 14.02 2.81 1.28
CA ARG A 42 13.71 2.20 2.56
C ARG A 42 13.72 3.23 3.68
N SER A 43 14.45 4.31 3.46
CA SER A 43 14.45 5.44 4.40
C SER A 43 13.08 6.10 4.45
N GLN A 44 12.32 5.98 3.36
CA GLN A 44 10.99 6.58 3.29
C GLN A 44 9.92 5.57 3.67
N ILE A 45 10.22 4.29 3.49
CA ILE A 45 9.31 3.22 3.88
C ILE A 45 9.20 3.14 5.40
N GLN A 46 10.33 3.15 6.08
CA GLN A 46 10.37 2.99 7.53
C GLN A 46 9.79 4.20 8.24
N ARG A 47 9.74 5.32 7.53
CA ARG A 47 9.20 6.56 8.09
C ARG A 47 7.88 6.93 7.42
N ALA A 48 7.36 6.03 6.61
CA ALA A 48 6.16 6.30 5.82
C ALA A 48 4.96 6.56 6.72
N ARG A 49 4.37 7.73 6.59
CA ARG A 49 3.09 8.03 7.24
C ARG A 49 1.94 7.29 6.56
N PRO A 50 0.83 7.15 7.29
CA PRO A 50 -0.34 6.46 6.75
C PRO A 50 -0.72 7.00 5.38
N VAL A 51 -0.60 8.32 5.22
CA VAL A 51 -0.91 8.97 3.94
C VAL A 51 0.25 8.81 2.95
N LYS A 52 1.46 8.94 3.46
CA LYS A 52 2.65 8.92 2.61
C LYS A 52 2.82 7.56 1.95
N MET A 53 2.33 6.52 2.61
CA MET A 53 2.38 5.17 2.06
C MET A 53 1.65 5.10 0.72
N ALA A 54 0.43 5.61 0.69
CA ALA A 54 -0.36 5.63 -0.54
C ALA A 54 0.28 6.51 -1.61
N THR A 55 0.79 7.67 -1.17
CA THR A 55 1.40 8.62 -2.09
C THR A 55 2.65 8.02 -2.75
N LEU A 56 3.50 7.43 -1.93
CA LEU A 56 4.77 6.89 -2.42
C LEU A 56 4.54 5.72 -3.37
N LEU A 57 3.54 4.90 -3.06
CA LEU A 57 3.21 3.75 -3.89
C LEU A 57 2.73 4.18 -5.27
N VAL A 58 1.87 5.19 -5.31
CA VAL A 58 1.37 5.74 -6.57
C VAL A 58 2.49 6.42 -7.35
N THR A 59 3.39 7.08 -6.63
CA THR A 59 4.48 7.82 -7.26
C THR A 59 5.49 6.88 -7.90
N TYR A 60 5.94 5.89 -7.13
CA TYR A 60 7.10 5.09 -7.51
C TYR A 60 6.68 3.92 -8.38
N TYR A 61 5.50 3.36 -8.10
CA TYR A 61 5.03 2.18 -8.81
C TYR A 61 3.90 2.54 -9.78
N GLY A 62 2.93 3.31 -9.30
CA GLY A 62 1.82 3.74 -10.13
C GLY A 62 0.48 3.43 -9.48
N GLU A 63 -0.58 4.00 -10.02
CA GLU A 63 -1.91 3.86 -9.44
C GLU A 63 -2.36 2.40 -9.42
N GLU A 64 -2.14 1.71 -10.53
CA GLU A 64 -2.62 0.35 -10.70
C GLU A 64 -1.82 -0.62 -9.82
N TYR A 65 -0.50 -0.52 -9.91
CA TYR A 65 0.39 -1.42 -9.16
C TYR A 65 0.27 -1.20 -7.66
N ALA A 66 0.06 0.07 -7.27
CA ALA A 66 -0.11 0.40 -5.86
C ALA A 66 -1.28 -0.33 -5.25
N VAL A 67 -2.39 -0.38 -5.99
CA VAL A 67 -3.60 -1.05 -5.51
C VAL A 67 -3.39 -2.56 -5.42
N GLN A 68 -2.79 -3.13 -6.46
CA GLN A 68 -2.54 -4.56 -6.50
C GLN A 68 -1.53 -4.99 -5.44
N LEU A 69 -0.47 -4.21 -5.30
CA LEU A 69 0.55 -4.49 -4.30
C LEU A 69 -0.02 -4.37 -2.89
N THR A 70 -0.67 -3.25 -2.61
CA THR A 70 -1.25 -2.99 -1.29
C THR A 70 -2.24 -4.08 -0.91
N LEU A 71 -3.08 -4.47 -1.86
CA LEU A 71 -4.07 -5.51 -1.62
C LEU A 71 -3.41 -6.78 -1.11
N GLN A 72 -2.35 -7.21 -1.77
CA GLN A 72 -1.65 -8.43 -1.39
C GLN A 72 -1.00 -8.29 -0.01
N VAL A 73 -0.45 -7.11 0.25
CA VAL A 73 0.19 -6.85 1.54
C VAL A 73 -0.82 -6.81 2.67
N LEU A 74 -1.99 -6.23 2.39
CA LEU A 74 -3.06 -6.15 3.37
C LEU A 74 -3.43 -7.54 3.88
N ARG A 75 -3.57 -8.48 2.96
CA ARG A 75 -3.81 -9.88 3.33
C ARG A 75 -2.63 -10.45 4.10
N ALA A 76 -1.42 -10.05 3.71
CA ALA A 76 -0.21 -10.55 4.36
C ALA A 76 -0.13 -10.09 5.81
N ILE A 77 -0.76 -8.95 6.10
CA ILE A 77 -0.71 -8.37 7.43
C ILE A 77 -2.03 -8.59 8.17
N ASN A 78 -2.78 -9.60 7.75
CA ASN A 78 -3.97 -10.03 8.48
C ASN A 78 -5.07 -8.97 8.38
N GLN A 79 -5.22 -8.39 7.19
CA GLN A 79 -6.35 -7.51 6.91
C GLN A 79 -7.04 -7.88 5.61
N ARG A 80 -7.71 -9.03 5.62
CA ARG A 80 -8.45 -9.48 4.45
C ARG A 80 -9.61 -8.56 4.13
N LEU A 81 -10.18 -7.96 5.17
CA LEU A 81 -11.29 -7.02 5.00
C LEU A 81 -10.85 -5.81 4.17
N LEU A 82 -9.75 -5.20 4.56
CA LEU A 82 -9.23 -4.03 3.85
C LEU A 82 -8.79 -4.39 2.43
N ALA A 83 -8.26 -5.60 2.28
CA ALA A 83 -7.88 -6.10 0.97
C ALA A 83 -9.09 -6.21 0.04
N GLU A 84 -10.18 -6.73 0.57
CA GLU A 84 -11.42 -6.85 -0.18
C GLU A 84 -12.01 -5.47 -0.49
N GLU A 85 -11.99 -4.59 0.52
CA GLU A 85 -12.54 -3.25 0.37
C GLU A 85 -11.75 -2.44 -0.65
N LEU A 86 -10.44 -2.67 -0.70
CA LEU A 86 -9.59 -2.04 -1.70
C LEU A 86 -9.92 -2.54 -3.10
N HIS A 87 -10.12 -3.85 -3.22
CA HIS A 87 -10.56 -4.45 -4.47
C HIS A 87 -11.89 -3.87 -4.91
N ARG A 88 -12.83 -3.76 -3.97
CA ARG A 88 -14.15 -3.21 -4.26
C ARG A 88 -14.07 -1.74 -4.63
N ALA A 89 -13.13 -1.02 -4.01
CA ALA A 89 -12.88 0.37 -4.36
C ALA A 89 -12.36 0.49 -5.78
N ALA A 90 -11.50 -0.43 -6.18
CA ALA A 90 -10.99 -0.47 -7.54
C ALA A 90 -12.08 -0.75 -8.55
N ILE A 91 -13.04 -1.58 -8.15
CA ILE A 91 -14.21 -1.86 -8.97
C ILE A 91 -15.06 -0.61 -9.18
N GLN A 92 -15.29 0.11 -8.09
CA GLN A 92 -16.07 1.35 -8.14
C GLN A 92 -15.32 2.43 -8.91
N LEU A 93 -14.00 2.44 -8.78
CA LEU A 93 -13.17 3.40 -9.49
C LEU A 93 -13.45 3.38 -10.99
N THR A 4 -10.68 8.53 -7.10
CA THR A 4 -9.51 7.84 -7.64
C THR A 4 -9.06 6.72 -6.73
N PRO A 5 -8.23 5.82 -7.25
CA PRO A 5 -7.70 4.71 -6.47
C PRO A 5 -7.00 5.21 -5.21
N SER A 6 -6.43 6.41 -5.29
CA SER A 6 -5.66 6.97 -4.19
C SER A 6 -6.56 7.43 -3.05
N ASP A 7 -7.84 7.66 -3.38
CA ASP A 7 -8.82 8.06 -2.38
C ASP A 7 -9.30 6.86 -1.57
N HIS A 8 -9.42 5.72 -2.23
CA HIS A 8 -9.74 4.47 -1.55
C HIS A 8 -8.51 3.88 -0.87
N LEU A 9 -7.33 4.18 -1.41
CA LEU A 9 -6.08 3.74 -0.81
C LEU A 9 -5.90 4.32 0.58
N LEU A 10 -5.97 5.65 0.67
CA LEU A 10 -5.75 6.35 1.94
C LEU A 10 -6.84 6.00 2.95
N SER A 11 -8.06 5.78 2.47
CA SER A 11 -9.16 5.38 3.32
C SER A 11 -8.92 4.00 3.91
N THR A 12 -8.42 3.07 3.08
CA THR A 12 -8.13 1.72 3.53
C THR A 12 -7.02 1.72 4.58
N LEU A 13 -5.98 2.50 4.34
CA LEU A 13 -4.85 2.57 5.26
C LEU A 13 -5.22 3.35 6.52
N GLU A 14 -6.21 4.24 6.40
CA GLU A 14 -6.77 4.90 7.56
C GLU A 14 -7.53 3.94 8.45
N GLU A 15 -8.26 3.01 7.83
CA GLU A 15 -8.98 1.99 8.57
C GLU A 15 -8.04 0.95 9.15
N LEU A 16 -6.91 0.76 8.48
CA LEU A 16 -5.90 -0.20 8.94
C LEU A 16 -5.43 0.13 10.35
N VAL A 17 -5.55 -0.84 11.26
CA VAL A 17 -5.16 -0.64 12.64
C VAL A 17 -3.68 -0.32 12.77
N PRO A 18 -3.36 0.73 13.52
CA PRO A 18 -1.99 1.21 13.62
C PRO A 18 -1.03 0.08 13.97
N TYR A 19 -1.49 -0.83 14.83
CA TYR A 19 -0.69 -1.99 15.21
C TYR A 19 -0.22 -2.75 13.97
N ASP A 20 -1.15 -3.05 13.08
CA ASP A 20 -0.83 -3.78 11.85
C ASP A 20 -0.32 -2.84 10.77
N PHE A 21 -0.56 -1.55 10.96
CA PHE A 21 -0.07 -0.54 10.02
C PHE A 21 1.43 -0.36 10.14
N GLU A 22 1.96 -0.60 11.34
CA GLU A 22 3.40 -0.68 11.54
C GLU A 22 3.97 -1.92 10.88
N LYS A 23 3.22 -3.01 10.90
CA LYS A 23 3.60 -4.24 10.22
C LYS A 23 3.51 -4.09 8.72
N PHE A 24 2.58 -3.24 8.27
CA PHE A 24 2.47 -2.91 6.85
C PHE A 24 3.78 -2.39 6.30
N LYS A 25 4.38 -1.43 7.00
CA LYS A 25 5.70 -0.91 6.64
C LYS A 25 6.73 -2.03 6.61
N PHE A 26 6.74 -2.86 7.67
CA PHE A 26 7.68 -3.95 7.77
C PHE A 26 7.60 -4.87 6.56
N LYS A 27 6.38 -5.22 6.16
CA LYS A 27 6.18 -6.16 5.07
C LYS A 27 6.36 -5.49 3.71
N LEU A 28 6.06 -4.20 3.66
CA LEU A 28 6.27 -3.42 2.45
C LEU A 28 7.73 -3.49 2.00
N GLN A 29 8.65 -3.44 2.96
CA GLN A 29 10.07 -3.55 2.67
C GLN A 29 10.41 -4.94 2.12
N ASN A 30 9.62 -5.92 2.51
CA ASN A 30 9.87 -7.31 2.10
C ASN A 30 8.96 -7.71 0.95
N THR A 31 8.30 -6.73 0.34
CA THR A 31 7.40 -7.00 -0.77
C THR A 31 7.95 -6.40 -2.06
N SER A 32 7.84 -7.16 -3.15
CA SER A 32 8.33 -6.71 -4.46
C SER A 32 7.33 -5.76 -5.12
N VAL A 33 7.78 -5.06 -6.14
CA VAL A 33 6.94 -4.09 -6.83
C VAL A 33 6.88 -4.38 -8.33
N GLN A 34 6.09 -3.59 -9.05
CA GLN A 34 6.03 -3.70 -10.51
C GLN A 34 7.40 -3.52 -11.13
N LYS A 35 7.78 -4.44 -12.02
CA LYS A 35 9.14 -4.49 -12.54
C LYS A 35 9.44 -3.26 -13.39
N GLU A 36 8.39 -2.57 -13.83
CA GLU A 36 8.55 -1.37 -14.65
C GLU A 36 9.33 -0.30 -13.91
N HIS A 37 9.20 -0.29 -12.58
CA HIS A 37 9.86 0.73 -11.77
C HIS A 37 10.71 0.08 -10.68
N SER A 38 11.80 0.75 -10.32
CA SER A 38 12.66 0.29 -9.24
C SER A 38 11.96 0.39 -7.89
N ARG A 39 12.16 -0.62 -7.05
CA ARG A 39 11.54 -0.65 -5.73
C ARG A 39 12.03 0.52 -4.87
N ILE A 40 11.10 1.17 -4.18
CA ILE A 40 11.44 2.23 -3.24
C ILE A 40 12.47 1.75 -2.22
N PRO A 41 13.56 2.49 -2.10
CA PRO A 41 14.62 2.14 -1.16
C PRO A 41 14.07 1.96 0.25
N ARG A 42 14.60 0.98 0.96
CA ARG A 42 14.17 0.70 2.33
C ARG A 42 14.50 1.86 3.26
N SER A 43 15.57 2.57 2.95
CA SER A 43 15.95 3.76 3.71
C SER A 43 14.92 4.87 3.55
N GLN A 44 14.19 4.83 2.43
CA GLN A 44 13.11 5.79 2.20
C GLN A 44 11.82 5.33 2.86
N ILE A 45 11.56 4.03 2.81
CA ILE A 45 10.36 3.46 3.41
C ILE A 45 10.40 3.60 4.93
N GLN A 46 11.55 3.31 5.52
CA GLN A 46 11.68 3.27 6.97
C GLN A 46 11.33 4.62 7.59
N ARG A 47 11.75 5.70 6.93
CA ARG A 47 11.57 7.04 7.47
C ARG A 47 10.30 7.67 6.93
N ALA A 48 9.68 7.03 5.94
CA ALA A 48 8.43 7.51 5.36
C ALA A 48 7.30 7.46 6.37
N ARG A 49 6.39 8.43 6.29
CA ARG A 49 5.19 8.42 7.11
C ARG A 49 4.20 7.37 6.65
N PRO A 50 3.30 6.98 7.53
CA PRO A 50 2.32 5.94 7.22
C PRO A 50 1.56 6.28 5.95
N VAL A 51 1.27 7.56 5.75
CA VAL A 51 0.51 8.01 4.60
C VAL A 51 1.42 8.49 3.47
N LYS A 52 2.66 8.82 3.83
CA LYS A 52 3.66 9.20 2.84
C LYS A 52 4.03 8.02 1.95
N MET A 53 4.05 6.83 2.52
CA MET A 53 4.32 5.61 1.77
C MET A 53 3.31 5.43 0.64
N ALA A 54 2.04 5.73 0.93
CA ALA A 54 0.99 5.70 -0.07
C ALA A 54 1.23 6.74 -1.16
N THR A 55 1.63 7.94 -0.75
CA THR A 55 1.94 9.00 -1.69
C THR A 55 3.10 8.62 -2.59
N LEU A 56 4.11 7.99 -2.00
CA LEU A 56 5.29 7.57 -2.75
C LEU A 56 4.94 6.52 -3.80
N LEU A 57 4.07 5.59 -3.42
CA LEU A 57 3.63 4.54 -4.33
C LEU A 57 2.82 5.11 -5.48
N VAL A 58 1.96 6.08 -5.18
CA VAL A 58 1.14 6.72 -6.20
C VAL A 58 2.00 7.55 -7.16
N THR A 59 2.98 8.25 -6.60
CA THR A 59 3.83 9.13 -7.40
C THR A 59 4.74 8.35 -8.32
N TYR A 60 5.36 7.30 -7.77
CA TYR A 60 6.43 6.60 -8.47
C TYR A 60 5.87 5.53 -9.41
N TYR A 61 4.81 4.86 -8.97
CA TYR A 61 4.28 3.73 -9.72
C TYR A 61 2.94 4.08 -10.36
N GLY A 62 2.04 4.66 -9.57
CA GLY A 62 0.74 5.09 -10.08
C GLY A 62 -0.36 4.84 -9.05
N GLU A 63 -1.51 5.47 -9.26
CA GLU A 63 -2.64 5.34 -8.34
C GLU A 63 -3.11 3.89 -8.25
N GLU A 64 -3.29 3.27 -9.41
CA GLU A 64 -3.73 1.88 -9.46
C GLU A 64 -2.65 0.93 -8.96
N TYR A 65 -1.40 1.25 -9.27
CA TYR A 65 -0.28 0.43 -8.85
C TYR A 65 -0.09 0.48 -7.35
N ALA A 66 -0.37 1.64 -6.76
CA ALA A 66 -0.28 1.81 -5.31
C ALA A 66 -1.32 0.95 -4.60
N VAL A 67 -2.51 0.84 -5.18
CA VAL A 67 -3.57 0.01 -4.63
C VAL A 67 -3.21 -1.47 -4.72
N GLN A 68 -2.63 -1.85 -5.86
CA GLN A 68 -2.23 -3.24 -6.07
C GLN A 68 -1.12 -3.64 -5.10
N LEU A 69 -0.15 -2.75 -4.93
CA LEU A 69 0.99 -3.02 -4.05
C LEU A 69 0.57 -3.01 -2.59
N THR A 70 -0.32 -2.09 -2.24
CA THR A 70 -0.88 -2.02 -0.90
C THR A 70 -1.70 -3.27 -0.58
N LEU A 71 -2.53 -3.68 -1.53
CA LEU A 71 -3.33 -4.90 -1.38
C LEU A 71 -2.45 -6.09 -1.06
N GLN A 72 -1.35 -6.23 -1.79
CA GLN A 72 -0.43 -7.34 -1.60
C GLN A 72 0.13 -7.35 -0.18
N VAL A 73 0.49 -6.18 0.31
CA VAL A 73 1.10 -6.05 1.63
C VAL A 73 0.06 -6.24 2.73
N LEU A 74 -1.17 -5.81 2.46
CA LEU A 74 -2.28 -6.03 3.37
C LEU A 74 -2.49 -7.52 3.65
N ARG A 75 -2.42 -8.33 2.60
CA ARG A 75 -2.48 -9.77 2.74
C ARG A 75 -1.28 -10.31 3.51
N ALA A 76 -0.13 -9.67 3.32
CA ALA A 76 1.09 -10.08 3.99
C ALA A 76 0.98 -9.89 5.50
N ILE A 77 0.17 -8.91 5.91
CA ILE A 77 -0.03 -8.62 7.33
C ILE A 77 -1.34 -9.21 7.83
N ASN A 78 -1.88 -10.17 7.09
CA ASN A 78 -3.05 -10.91 7.54
C ASN A 78 -4.28 -10.01 7.63
N GLN A 79 -4.36 -9.04 6.73
CA GLN A 79 -5.56 -8.21 6.59
C GLN A 79 -6.24 -8.45 5.25
N ARG A 80 -6.95 -9.57 5.14
CA ARG A 80 -7.65 -9.90 3.90
C ARG A 80 -8.89 -9.04 3.71
N LEU A 81 -9.46 -8.59 4.83
CA LEU A 81 -10.63 -7.73 4.78
C LEU A 81 -10.34 -6.45 4.00
N LEU A 82 -9.26 -5.77 4.36
CA LEU A 82 -8.91 -4.51 3.74
C LEU A 82 -8.39 -4.71 2.33
N ALA A 83 -7.77 -5.86 2.09
CA ALA A 83 -7.35 -6.26 0.75
C ALA A 83 -8.56 -6.44 -0.17
N GLU A 84 -9.62 -7.04 0.37
CA GLU A 84 -10.85 -7.20 -0.38
C GLU A 84 -11.50 -5.85 -0.68
N GLU A 85 -11.42 -4.93 0.28
CA GLU A 85 -11.95 -3.59 0.10
C GLU A 85 -11.34 -2.91 -1.12
N LEU A 86 -10.01 -2.97 -1.21
CA LEU A 86 -9.30 -2.37 -2.35
C LEU A 86 -9.63 -3.09 -3.64
N HIS A 87 -9.78 -4.40 -3.57
CA HIS A 87 -10.17 -5.19 -4.72
C HIS A 87 -11.53 -4.75 -5.26
N ARG A 88 -12.50 -4.61 -4.36
CA ARG A 88 -13.85 -4.20 -4.73
C ARG A 88 -13.88 -2.75 -5.19
N ALA A 89 -13.03 -1.93 -4.59
CA ALA A 89 -12.89 -0.54 -4.98
C ALA A 89 -12.39 -0.42 -6.42
N ALA A 90 -11.41 -1.24 -6.77
CA ALA A 90 -10.87 -1.26 -8.13
C ALA A 90 -11.92 -1.68 -9.14
N ILE A 91 -12.80 -2.59 -8.73
CA ILE A 91 -13.91 -3.01 -9.57
C ILE A 91 -14.88 -1.87 -9.83
N GLN A 92 -15.22 -1.14 -8.77
CA GLN A 92 -16.14 -0.02 -8.88
C GLN A 92 -15.52 1.13 -9.67
N LEU A 93 -14.22 1.32 -9.52
CA LEU A 93 -13.50 2.35 -10.24
C LEU A 93 -13.42 2.04 -11.73
N THR A 4 -9.27 9.60 -6.13
CA THR A 4 -8.00 9.07 -6.61
C THR A 4 -7.71 7.70 -6.01
N PRO A 5 -6.88 6.92 -6.68
CA PRO A 5 -6.44 5.63 -6.16
C PRO A 5 -5.63 5.80 -4.88
N SER A 6 -5.02 6.97 -4.72
CA SER A 6 -4.27 7.27 -3.51
C SER A 6 -5.20 7.57 -2.34
N ASP A 7 -6.36 8.13 -2.64
CA ASP A 7 -7.42 8.29 -1.65
C ASP A 7 -8.03 6.94 -1.27
N HIS A 8 -8.19 6.08 -2.27
CA HIS A 8 -8.69 4.73 -2.05
C HIS A 8 -7.74 3.94 -1.14
N LEU A 9 -6.45 4.11 -1.36
CA LEU A 9 -5.44 3.48 -0.51
C LEU A 9 -5.44 4.09 0.88
N LEU A 10 -5.46 5.41 0.94
CA LEU A 10 -5.48 6.11 2.22
C LEU A 10 -6.59 5.59 3.12
N SER A 11 -7.77 5.38 2.54
CA SER A 11 -8.93 4.92 3.30
C SER A 11 -8.62 3.63 4.04
N THR A 12 -7.88 2.74 3.38
CA THR A 12 -7.61 1.41 3.93
C THR A 12 -6.35 1.41 4.80
N LEU A 13 -5.47 2.38 4.53
CA LEU A 13 -4.23 2.50 5.29
C LEU A 13 -4.44 3.28 6.57
N GLU A 14 -5.51 4.08 6.61
CA GLU A 14 -5.88 4.81 7.81
C GLU A 14 -6.47 3.88 8.87
N GLU A 15 -7.11 2.81 8.41
CA GLU A 15 -7.76 1.87 9.31
C GLU A 15 -6.74 0.98 10.02
N LEU A 16 -5.53 0.90 9.45
CA LEU A 16 -4.45 0.15 10.06
C LEU A 16 -4.06 0.72 11.41
N VAL A 17 -3.99 -0.14 12.42
CA VAL A 17 -3.47 0.26 13.73
C VAL A 17 -1.95 0.24 13.76
N PRO A 18 -1.38 0.88 14.76
CA PRO A 18 0.07 1.05 14.84
C PRO A 18 0.78 -0.28 14.66
N TYR A 19 0.23 -1.33 15.25
CA TYR A 19 0.83 -2.66 15.17
C TYR A 19 0.77 -3.20 13.76
N ASP A 20 -0.42 -3.25 13.19
CA ASP A 20 -0.63 -3.79 11.85
C ASP A 20 0.07 -2.93 10.80
N PHE A 21 0.16 -1.63 11.07
CA PHE A 21 0.83 -0.70 10.17
C PHE A 21 2.34 -0.92 10.20
N GLU A 22 2.88 -1.18 11.39
CA GLU A 22 4.29 -1.51 11.53
C GLU A 22 4.64 -2.76 10.73
N LYS A 23 3.74 -3.74 10.74
CA LYS A 23 3.93 -4.97 10.00
C LYS A 23 3.64 -4.78 8.52
N PHE A 24 2.73 -3.85 8.22
CA PHE A 24 2.49 -3.44 6.85
C PHE A 24 3.74 -2.81 6.24
N LYS A 25 4.37 -1.90 6.98
CA LYS A 25 5.62 -1.30 6.55
C LYS A 25 6.67 -2.36 6.26
N PHE A 26 6.86 -3.26 7.21
CA PHE A 26 7.85 -4.34 7.06
C PHE A 26 7.63 -5.11 5.77
N LYS A 27 6.38 -5.48 5.51
CA LYS A 27 6.05 -6.30 4.36
C LYS A 27 5.98 -5.46 3.08
N LEU A 28 5.76 -4.16 3.26
CA LEU A 28 5.75 -3.23 2.14
C LEU A 28 7.14 -3.11 1.51
N GLN A 29 8.17 -3.19 2.34
CA GLN A 29 9.55 -3.20 1.86
C GLN A 29 9.90 -4.52 1.21
N ASN A 30 9.24 -5.58 1.64
CA ASN A 30 9.55 -6.93 1.17
C ASN A 30 8.55 -7.40 0.13
N THR A 31 7.62 -6.51 -0.23
CA THR A 31 6.59 -6.85 -1.21
C THR A 31 7.20 -7.06 -2.59
N SER A 32 6.56 -7.91 -3.38
CA SER A 32 6.93 -8.09 -4.78
C SER A 32 6.59 -6.85 -5.59
N VAL A 33 7.57 -6.36 -6.36
CA VAL A 33 7.39 -5.15 -7.15
C VAL A 33 7.71 -5.40 -8.62
N GLN A 34 7.30 -4.46 -9.48
CA GLN A 34 7.50 -4.61 -10.92
C GLN A 34 8.88 -4.12 -11.34
N LYS A 35 9.32 -4.57 -12.50
CA LYS A 35 10.65 -4.21 -13.00
C LYS A 35 10.59 -3.00 -13.92
N GLU A 36 9.38 -2.52 -14.19
CA GLU A 36 9.18 -1.38 -15.06
C GLU A 36 9.47 -0.06 -14.33
N HIS A 37 9.41 -0.11 -13.00
CA HIS A 37 9.60 1.09 -12.19
C HIS A 37 10.62 0.83 -11.09
N SER A 38 11.29 1.90 -10.66
CA SER A 38 12.29 1.80 -9.59
C SER A 38 11.63 1.62 -8.23
N ARG A 39 12.41 1.17 -7.26
CA ARG A 39 11.88 0.89 -5.92
C ARG A 39 11.88 2.15 -5.06
N ILE A 40 10.94 2.21 -4.13
CA ILE A 40 10.88 3.30 -3.17
C ILE A 40 12.05 3.24 -2.19
N PRO A 41 12.74 4.36 -2.04
CA PRO A 41 13.85 4.44 -1.10
C PRO A 41 13.46 3.94 0.28
N ARG A 42 14.39 3.28 0.96
CA ARG A 42 14.11 2.68 2.27
C ARG A 42 13.73 3.75 3.29
N SER A 43 14.34 4.92 3.16
CA SER A 43 14.03 6.04 4.05
C SER A 43 12.60 6.51 3.86
N GLN A 44 12.15 6.54 2.61
CA GLN A 44 10.81 7.03 2.28
C GLN A 44 9.74 6.20 2.98
N ILE A 45 9.86 4.88 2.87
CA ILE A 45 8.90 3.98 3.50
C ILE A 45 9.04 3.99 5.02
N GLN A 46 10.27 3.95 5.49
CA GLN A 46 10.55 3.95 6.93
C GLN A 46 9.85 5.10 7.63
N ARG A 47 9.83 6.26 6.97
CA ARG A 47 9.31 7.49 7.58
C ARG A 47 7.93 7.82 7.05
N ALA A 48 7.38 6.94 6.22
CA ALA A 48 6.10 7.17 5.56
C ALA A 48 4.95 7.08 6.55
N ARG A 49 4.05 8.06 6.50
CA ARG A 49 2.74 7.92 7.14
C ARG A 49 1.83 7.00 6.36
N PRO A 50 0.80 6.49 7.03
CA PRO A 50 -0.19 5.65 6.37
C PRO A 50 -0.87 6.39 5.22
N VAL A 51 -0.87 7.72 5.31
CA VAL A 51 -1.48 8.55 4.27
C VAL A 51 -0.46 8.89 3.18
N LYS A 52 0.83 8.73 3.51
CA LYS A 52 1.90 9.08 2.58
C LYS A 52 2.33 7.88 1.76
N MET A 53 2.12 6.68 2.30
CA MET A 53 2.47 5.45 1.62
C MET A 53 1.67 5.28 0.34
N ALA A 54 0.42 5.73 0.36
CA ALA A 54 -0.42 5.72 -0.83
C ALA A 54 0.16 6.61 -1.92
N THR A 55 0.63 7.79 -1.53
CA THR A 55 1.25 8.71 -2.48
C THR A 55 2.54 8.14 -3.05
N LEU A 56 3.36 7.55 -2.18
CA LEU A 56 4.65 7.01 -2.57
C LEU A 56 4.49 5.90 -3.60
N LEU A 57 3.55 5.00 -3.36
CA LEU A 57 3.33 3.86 -4.24
C LEU A 57 2.83 4.31 -5.60
N VAL A 58 1.90 5.27 -5.60
CA VAL A 58 1.37 5.81 -6.85
C VAL A 58 2.44 6.57 -7.62
N THR A 59 3.30 7.28 -6.89
CA THR A 59 4.33 8.10 -7.51
C THR A 59 5.43 7.24 -8.11
N TYR A 60 5.93 6.29 -7.32
CA TYR A 60 7.14 5.57 -7.68
C TYR A 60 6.85 4.41 -8.61
N TYR A 61 5.70 3.77 -8.42
CA TYR A 61 5.34 2.58 -9.18
C TYR A 61 4.21 2.87 -10.16
N GLY A 62 3.18 3.56 -9.67
CA GLY A 62 2.05 3.94 -10.51
C GLY A 62 0.73 3.64 -9.83
N GLU A 63 -0.36 4.11 -10.41
CA GLU A 63 -1.68 4.00 -9.80
C GLU A 63 -2.11 2.55 -9.67
N GLU A 64 -2.00 1.81 -10.78
CA GLU A 64 -2.39 0.40 -10.79
C GLU A 64 -1.48 -0.42 -9.88
N TYR A 65 -0.18 -0.20 -9.99
CA TYR A 65 0.80 -0.97 -9.23
C TYR A 65 0.70 -0.66 -7.74
N ALA A 66 0.30 0.57 -7.42
CA ALA A 66 0.11 0.97 -6.03
C ALA A 66 -0.97 0.13 -5.36
N VAL A 67 -2.08 -0.07 -6.05
CA VAL A 67 -3.18 -0.87 -5.52
C VAL A 67 -2.80 -2.33 -5.40
N GLN A 68 -2.09 -2.84 -6.41
CA GLN A 68 -1.67 -4.23 -6.44
C GLN A 68 -0.68 -4.52 -5.32
N LEU A 69 0.24 -3.59 -5.09
CA LEU A 69 1.25 -3.75 -4.05
C LEU A 69 0.64 -3.71 -2.65
N THR A 70 -0.22 -2.72 -2.42
CA THR A 70 -0.89 -2.58 -1.13
C THR A 70 -1.79 -3.78 -0.86
N LEU A 71 -2.52 -4.23 -1.87
CA LEU A 71 -3.39 -5.39 -1.76
C LEU A 71 -2.60 -6.62 -1.35
N GLN A 72 -1.45 -6.83 -1.99
CA GLN A 72 -0.60 -7.97 -1.70
C GLN A 72 -0.11 -7.93 -0.26
N VAL A 73 0.28 -6.75 0.19
CA VAL A 73 0.81 -6.59 1.54
C VAL A 73 -0.29 -6.74 2.58
N LEU A 74 -1.46 -6.21 2.28
CA LEU A 74 -2.62 -6.36 3.15
C LEU A 74 -2.95 -7.84 3.38
N ARG A 75 -2.87 -8.62 2.31
CA ARG A 75 -3.08 -10.06 2.39
C ARG A 75 -1.93 -10.73 3.14
N ALA A 76 -0.73 -10.20 2.98
CA ALA A 76 0.44 -10.73 3.66
C ALA A 76 0.33 -10.58 5.17
N ILE A 77 -0.31 -9.49 5.60
CA ILE A 77 -0.46 -9.21 7.03
C ILE A 77 -1.81 -9.70 7.54
N ASN A 78 -2.51 -10.47 6.72
CA ASN A 78 -3.74 -11.11 7.14
C ASN A 78 -4.82 -10.09 7.46
N GLN A 79 -4.95 -9.09 6.61
CA GLN A 79 -6.06 -8.14 6.69
C GLN A 79 -7.03 -8.33 5.53
N ARG A 80 -7.86 -9.36 5.62
CA ARG A 80 -8.83 -9.66 4.56
C ARG A 80 -9.84 -8.53 4.40
N LEU A 81 -10.25 -7.95 5.52
CA LEU A 81 -11.20 -6.84 5.51
C LEU A 81 -10.72 -5.72 4.59
N LEU A 82 -9.51 -5.24 4.83
CA LEU A 82 -8.96 -4.12 4.09
C LEU A 82 -8.59 -4.53 2.66
N ALA A 83 -8.24 -5.80 2.49
CA ALA A 83 -7.94 -6.33 1.17
C ALA A 83 -9.17 -6.32 0.28
N GLU A 84 -10.32 -6.71 0.84
CA GLU A 84 -11.57 -6.72 0.10
C GLU A 84 -12.09 -5.31 -0.12
N GLU A 85 -11.86 -4.43 0.85
CA GLU A 85 -12.24 -3.04 0.73
C GLU A 85 -11.45 -2.35 -0.39
N LEU A 86 -10.16 -2.65 -0.46
CA LEU A 86 -9.30 -2.12 -1.51
C LEU A 86 -9.66 -2.72 -2.87
N HIS A 87 -9.95 -4.00 -2.88
CA HIS A 87 -10.40 -4.68 -4.09
C HIS A 87 -11.64 -4.01 -4.66
N ARG A 88 -12.61 -3.73 -3.80
CA ARG A 88 -13.85 -3.07 -4.22
C ARG A 88 -13.59 -1.63 -4.61
N ALA A 89 -12.63 -1.00 -3.94
CA ALA A 89 -12.22 0.36 -4.28
C ALA A 89 -11.57 0.40 -5.67
N ALA A 90 -10.84 -0.65 -6.01
CA ALA A 90 -10.24 -0.77 -7.33
C ALA A 90 -11.29 -0.98 -8.40
N ILE A 91 -12.36 -1.69 -8.05
CA ILE A 91 -13.50 -1.86 -8.94
C ILE A 91 -14.18 -0.54 -9.21
N GLN A 92 -14.35 0.27 -8.17
CA GLN A 92 -14.94 1.59 -8.31
C GLN A 92 -13.99 2.55 -9.03
N LEU A 93 -12.69 2.34 -8.83
CA LEU A 93 -11.67 3.16 -9.48
C LEU A 93 -11.85 3.13 -11.00
N THR A 4 -10.03 8.48 -7.61
CA THR A 4 -8.87 7.71 -8.05
C THR A 4 -8.51 6.63 -7.03
N PRO A 5 -7.73 5.65 -7.47
CA PRO A 5 -7.29 4.57 -6.59
C PRO A 5 -6.60 5.14 -5.35
N SER A 6 -5.89 6.24 -5.52
CA SER A 6 -5.10 6.83 -4.43
C SER A 6 -6.00 7.33 -3.32
N ASP A 7 -7.25 7.64 -3.66
CA ASP A 7 -8.21 8.13 -2.68
C ASP A 7 -8.67 7.03 -1.75
N HIS A 8 -8.60 5.79 -2.22
CA HIS A 8 -8.92 4.63 -1.40
C HIS A 8 -7.69 4.14 -0.65
N LEU A 9 -6.52 4.30 -1.26
CA LEU A 9 -5.27 3.87 -0.64
C LEU A 9 -4.94 4.71 0.59
N LEU A 10 -5.29 5.99 0.52
CA LEU A 10 -5.12 6.89 1.66
C LEU A 10 -5.89 6.42 2.88
N SER A 11 -7.13 5.98 2.64
CA SER A 11 -7.99 5.54 3.73
C SER A 11 -7.65 4.13 4.17
N THR A 12 -7.01 3.38 3.29
CA THR A 12 -6.61 2.00 3.59
C THR A 12 -5.65 1.97 4.78
N LEU A 13 -4.60 2.77 4.69
CA LEU A 13 -3.56 2.79 5.73
C LEU A 13 -3.93 3.74 6.86
N GLU A 14 -4.85 4.65 6.58
CA GLU A 14 -5.40 5.53 7.61
C GLU A 14 -6.21 4.74 8.63
N GLU A 15 -7.04 3.82 8.14
CA GLU A 15 -7.85 2.99 9.01
C GLU A 15 -7.04 1.87 9.64
N LEU A 16 -6.00 1.45 8.93
CA LEU A 16 -5.08 0.42 9.45
C LEU A 16 -4.38 0.90 10.72
N VAL A 17 -4.51 0.11 11.78
CA VAL A 17 -3.97 0.50 13.07
C VAL A 17 -2.45 0.45 13.08
N PRO A 18 -1.84 1.19 14.00
CA PRO A 18 -0.38 1.29 14.07
C PRO A 18 0.26 -0.09 14.20
N TYR A 19 -0.42 -0.98 14.92
CA TYR A 19 0.12 -2.30 15.21
C TYR A 19 0.38 -3.09 13.94
N ASP A 20 -0.62 -3.14 13.06
CA ASP A 20 -0.51 -3.89 11.81
C ASP A 20 0.02 -3.00 10.69
N PHE A 21 -0.01 -1.68 10.92
CA PHE A 21 0.60 -0.74 9.99
C PHE A 21 2.11 -0.86 10.00
N GLU A 22 2.68 -1.04 11.19
CA GLU A 22 4.10 -1.31 11.33
C GLU A 22 4.49 -2.61 10.62
N LYS A 23 3.61 -3.60 10.70
CA LYS A 23 3.80 -4.86 9.98
C LYS A 23 3.66 -4.66 8.49
N PHE A 24 2.73 -3.80 8.09
CA PHE A 24 2.53 -3.48 6.68
C PHE A 24 3.80 -2.90 6.07
N LYS A 25 4.43 -1.97 6.78
CA LYS A 25 5.68 -1.38 6.33
C LYS A 25 6.78 -2.42 6.22
N PHE A 26 6.83 -3.33 7.20
CA PHE A 26 7.84 -4.38 7.22
C PHE A 26 7.71 -5.28 5.99
N LYS A 27 6.47 -5.58 5.61
CA LYS A 27 6.22 -6.49 4.49
C LYS A 27 6.31 -5.75 3.16
N LEU A 28 6.06 -4.45 3.19
CA LEU A 28 6.13 -3.63 1.99
C LEU A 28 7.57 -3.43 1.54
N GLN A 29 8.45 -3.15 2.49
CA GLN A 29 9.86 -2.91 2.19
C GLN A 29 10.56 -4.18 1.75
N ASN A 30 9.93 -5.32 2.02
CA ASN A 30 10.45 -6.61 1.58
C ASN A 30 9.88 -6.99 0.22
N THR A 31 8.90 -6.23 -0.24
CA THR A 31 8.27 -6.48 -1.54
C THR A 31 9.23 -6.19 -2.67
N SER A 32 9.23 -7.06 -3.69
CA SER A 32 10.14 -6.92 -4.81
C SER A 32 9.77 -5.73 -5.69
N VAL A 33 10.64 -5.39 -6.63
CA VAL A 33 10.44 -4.23 -7.49
C VAL A 33 10.73 -4.57 -8.94
N GLN A 34 9.91 -4.04 -9.84
CA GLN A 34 10.07 -4.28 -11.27
C GLN A 34 11.08 -3.33 -11.89
N LYS A 35 11.61 -3.70 -13.04
CA LYS A 35 12.56 -2.85 -13.75
C LYS A 35 11.84 -1.72 -14.48
N GLU A 36 10.53 -1.86 -14.65
CA GLU A 36 9.72 -0.86 -15.33
C GLU A 36 9.33 0.26 -14.39
N HIS A 37 9.45 0.02 -13.09
CA HIS A 37 9.04 0.97 -12.08
C HIS A 37 10.21 1.39 -11.20
N SER A 38 9.97 2.36 -10.32
CA SER A 38 11.01 2.85 -9.43
C SER A 38 10.95 2.17 -8.07
N ARG A 39 12.10 2.08 -7.41
CA ARG A 39 12.17 1.43 -6.11
C ARG A 39 12.06 2.44 -4.97
N ILE A 40 11.17 2.16 -4.01
CA ILE A 40 11.03 2.99 -2.83
C ILE A 40 12.02 2.59 -1.75
N PRO A 41 12.80 3.56 -1.28
CA PRO A 41 13.79 3.31 -0.24
C PRO A 41 13.16 2.65 0.97
N ARG A 42 13.85 1.67 1.55
CA ARG A 42 13.35 0.95 2.71
C ARG A 42 13.22 1.86 3.92
N SER A 43 14.18 2.77 4.07
CA SER A 43 14.17 3.72 5.17
C SER A 43 13.06 4.75 5.00
N GLN A 44 12.72 5.05 3.75
CA GLN A 44 11.60 5.92 3.46
C GLN A 44 10.27 5.30 3.92
N ILE A 45 10.07 4.04 3.57
CA ILE A 45 8.86 3.32 3.96
C ILE A 45 8.70 3.30 5.48
N GLN A 46 9.79 3.00 6.18
CA GLN A 46 9.76 2.89 7.63
C GLN A 46 9.22 4.17 8.26
N ARG A 47 9.61 5.32 7.71
CA ARG A 47 9.32 6.61 8.33
C ARG A 47 8.17 7.31 7.59
N ALA A 48 7.69 6.69 6.52
CA ALA A 48 6.61 7.25 5.72
C ALA A 48 5.28 7.19 6.48
N ARG A 49 4.46 8.21 6.31
CA ARG A 49 3.13 8.23 6.88
C ARG A 49 2.18 7.32 6.11
N PRO A 50 1.09 6.91 6.75
CA PRO A 50 0.10 6.06 6.12
C PRO A 50 -0.50 6.73 4.89
N VAL A 51 -0.43 8.06 4.86
CA VAL A 51 -0.97 8.83 3.75
C VAL A 51 0.12 9.19 2.74
N LYS A 52 1.37 9.13 3.20
CA LYS A 52 2.52 9.38 2.31
C LYS A 52 2.89 8.11 1.55
N MET A 53 2.66 6.96 2.15
CA MET A 53 2.98 5.68 1.54
C MET A 53 2.12 5.43 0.30
N ALA A 54 0.87 5.86 0.36
CA ALA A 54 -0.02 5.82 -0.79
C ALA A 54 0.54 6.65 -1.94
N THR A 55 1.04 7.84 -1.61
CA THR A 55 1.65 8.72 -2.61
C THR A 55 2.92 8.10 -3.16
N LEU A 56 3.71 7.47 -2.31
CA LEU A 56 4.95 6.82 -2.72
C LEU A 56 4.69 5.72 -3.73
N LEU A 57 3.69 4.89 -3.45
CA LEU A 57 3.36 3.76 -4.31
C LEU A 57 2.83 4.25 -5.66
N VAL A 58 2.06 5.32 -5.63
CA VAL A 58 1.52 5.91 -6.85
C VAL A 58 2.62 6.56 -7.69
N THR A 59 3.53 7.25 -7.02
CA THR A 59 4.59 7.98 -7.70
C THR A 59 5.61 7.02 -8.31
N TYR A 60 6.01 6.03 -7.53
CA TYR A 60 7.12 5.16 -7.93
C TYR A 60 6.65 4.05 -8.86
N TYR A 61 5.40 3.64 -8.71
CA TYR A 61 4.85 2.53 -9.48
C TYR A 61 3.67 2.98 -10.33
N GLY A 62 2.64 3.52 -9.68
CA GLY A 62 1.44 3.96 -10.37
C GLY A 62 0.19 3.71 -9.52
N GLU A 63 -0.92 4.31 -9.92
CA GLU A 63 -2.16 4.21 -9.17
C GLU A 63 -2.67 2.78 -9.15
N GLU A 64 -2.69 2.15 -10.33
CA GLU A 64 -3.18 0.78 -10.44
C GLU A 64 -2.23 -0.21 -9.79
N TYR A 65 -0.93 0.08 -9.86
CA TYR A 65 0.09 -0.78 -9.28
C TYR A 65 0.17 -0.60 -7.77
N ALA A 66 -0.18 0.59 -7.30
CA ALA A 66 -0.20 0.88 -5.87
C ALA A 66 -1.23 0.04 -5.15
N VAL A 67 -2.37 -0.18 -5.80
CA VAL A 67 -3.43 -1.01 -5.25
C VAL A 67 -3.02 -2.48 -5.21
N GLN A 68 -2.34 -2.92 -6.26
CA GLN A 68 -1.85 -4.29 -6.34
C GLN A 68 -0.80 -4.56 -5.27
N LEU A 69 0.09 -3.58 -5.07
CA LEU A 69 1.13 -3.70 -4.05
C LEU A 69 0.55 -3.70 -2.66
N THR A 70 -0.36 -2.77 -2.39
CA THR A 70 -1.03 -2.68 -1.10
C THR A 70 -1.81 -3.95 -0.81
N LEU A 71 -2.57 -4.42 -1.79
CA LEU A 71 -3.37 -5.64 -1.64
C LEU A 71 -2.49 -6.84 -1.36
N GLN A 72 -1.35 -6.91 -2.05
CA GLN A 72 -0.42 -8.01 -1.88
C GLN A 72 0.16 -8.04 -0.47
N VAL A 73 0.45 -6.86 0.07
CA VAL A 73 1.01 -6.75 1.41
C VAL A 73 -0.05 -7.03 2.47
N LEU A 74 -1.29 -6.63 2.18
CA LEU A 74 -2.41 -6.93 3.06
C LEU A 74 -2.59 -8.42 3.25
N ARG A 75 -2.30 -9.18 2.19
CA ARG A 75 -2.28 -10.64 2.28
C ARG A 75 -1.18 -11.12 3.22
N ALA A 76 -0.03 -10.45 3.16
CA ALA A 76 1.11 -10.82 3.99
C ALA A 76 0.81 -10.61 5.47
N ILE A 77 0.07 -9.55 5.77
CA ILE A 77 -0.27 -9.22 7.15
C ILE A 77 -1.69 -9.65 7.49
N ASN A 78 -2.33 -10.35 6.55
CA ASN A 78 -3.53 -11.11 6.86
C ASN A 78 -4.67 -10.19 7.28
N GLN A 79 -4.86 -9.11 6.54
CA GLN A 79 -6.00 -8.22 6.75
C GLN A 79 -7.04 -8.41 5.66
N ARG A 80 -8.09 -9.17 5.98
CA ARG A 80 -9.15 -9.46 5.02
C ARG A 80 -10.02 -8.24 4.78
N LEU A 81 -10.19 -7.43 5.81
CA LEU A 81 -11.06 -6.25 5.74
C LEU A 81 -10.60 -5.31 4.64
N LEU A 82 -9.37 -4.83 4.75
CA LEU A 82 -8.84 -3.84 3.82
C LEU A 82 -8.70 -4.41 2.42
N ALA A 83 -8.45 -5.72 2.34
CA ALA A 83 -8.41 -6.42 1.07
C ALA A 83 -9.76 -6.36 0.36
N GLU A 84 -10.83 -6.56 1.12
CA GLU A 84 -12.18 -6.45 0.58
C GLU A 84 -12.53 -5.01 0.25
N GLU A 85 -11.95 -4.07 1.00
CA GLU A 85 -12.18 -2.65 0.77
C GLU A 85 -11.52 -2.19 -0.52
N LEU A 86 -10.39 -2.81 -0.86
CA LEU A 86 -9.75 -2.57 -2.15
C LEU A 86 -10.51 -3.24 -3.28
N HIS A 87 -11.15 -4.37 -2.98
CA HIS A 87 -12.06 -5.01 -3.91
C HIS A 87 -13.32 -4.18 -4.12
N ARG A 88 -13.73 -3.48 -3.07
CA ARG A 88 -14.84 -2.54 -3.16
C ARG A 88 -14.42 -1.27 -3.88
N ALA A 89 -13.15 -0.89 -3.73
CA ALA A 89 -12.58 0.24 -4.45
C ALA A 89 -12.61 -0.01 -5.96
N ALA A 90 -12.27 -1.24 -6.35
CA ALA A 90 -12.32 -1.63 -7.76
C ALA A 90 -13.73 -1.51 -8.31
N ILE A 91 -14.72 -1.80 -7.48
CA ILE A 91 -16.12 -1.68 -7.87
C ILE A 91 -16.51 -0.23 -8.09
N GLN A 92 -16.11 0.63 -7.17
CA GLN A 92 -16.43 2.06 -7.27
C GLN A 92 -15.67 2.72 -8.41
N LEU A 93 -14.44 2.28 -8.64
CA LEU A 93 -13.60 2.85 -9.68
C LEU A 93 -13.97 2.31 -11.05
#